data_7HIH
#
_entry.id   7HIH
#
_cell.length_a   87.282
_cell.length_b   87.282
_cell.length_c   85.574
_cell.angle_alpha   90.00
_cell.angle_beta   90.00
_cell.angle_gamma   120.00
#
_symmetry.space_group_name_H-M   'P 31'
#
loop_
_entity.id
_entity.type
_entity.pdbx_description
1 polymer 'Non-structural protein 3'
2 non-polymer 'DIMETHYL SULFOXIDE'
3 non-polymer 2-AMINO-2-HYDROXYMETHYL-PROPANE-1,3-DIOL
4 non-polymer 'CHLORIDE ION'
5 non-polymer imidazolidin-2-one
6 non-polymer pyridazin-3(2H)-one
7 non-polymer 4-(4-methyl-1H-pyrazol-5-yl)pyridine
8 water water
#
_entity_poly.entity_id   1
_entity_poly.type   'polypeptide(L)'
_entity_poly.pdbx_seq_one_letter_code
;GAMAPSYRVKRMDIAKNDEECVVNAANPRGLPGDGVCKAVYKKWPESFKNSATPVGTAKTVMCGTYPVIHAVGPNFSNYT
ESEGDRELAAAYREVAKEVTRLGVNSVAIPLLSTGVYSGGKDRLTQSLNHLFTAMDSTDADVVIYCRDKEWEKKISEAIQ
MRT
;
_entity_poly.pdbx_strand_id   A,B,C,D
#
loop_
_chem_comp.id
_chem_comp.type
_chem_comp.name
_chem_comp.formula
A1AP7 non-polymer 4-(4-methyl-1H-pyrazol-5-yl)pyridine 'C9 H9 N3'
CL non-polymer 'CHLORIDE ION' 'Cl -1'
DMS non-polymer 'DIMETHYL SULFOXIDE' 'C2 H6 O S'
TRS non-polymer 2-AMINO-2-HYDROXYMETHYL-PROPANE-1,3-DIOL 'C4 H12 N O3 1'
W3G non-polymer pyridazin-3(2H)-one 'C4 H4 N2 O'
XJV non-polymer imidazolidin-2-one 'C3 H6 N2 O'
#
# COMPACT_ATOMS: atom_id res chain seq x y z
N GLY A 1 11.53 -13.55 17.02
CA GLY A 1 12.20 -14.63 16.22
C GLY A 1 11.19 -15.64 15.69
N ALA A 2 11.60 -16.47 14.71
CA ALA A 2 10.76 -17.57 14.20
C ALA A 2 10.78 -18.66 15.27
N MET A 3 9.68 -19.43 15.36
CA MET A 3 9.49 -20.54 16.34
C MET A 3 10.58 -21.60 16.16
N ALA A 4 10.89 -21.94 14.92
CA ALA A 4 11.90 -22.96 14.56
C ALA A 4 12.68 -22.40 13.37
N PRO A 5 13.61 -21.45 13.58
CA PRO A 5 14.32 -20.79 12.46
C PRO A 5 14.86 -21.77 11.41
N SER A 6 14.55 -21.50 10.13
CA SER A 6 14.79 -22.43 9.00
C SER A 6 15.42 -21.69 7.82
N TYR A 7 15.96 -22.45 6.88
CA TYR A 7 16.37 -21.94 5.55
C TYR A 7 15.48 -22.65 4.53
N ARG A 8 15.02 -21.92 3.51
CA ARG A 8 14.26 -22.48 2.39
C ARG A 8 14.80 -21.81 1.13
N VAL A 9 14.50 -22.40 0.00
CA VAL A 9 14.81 -21.79 -1.32
C VAL A 9 13.57 -21.81 -2.20
N LYS A 10 13.33 -20.71 -2.92
CA LYS A 10 12.23 -20.63 -3.88
C LYS A 10 12.76 -20.11 -5.21
N ARG A 11 12.23 -20.64 -6.32
CA ARG A 11 12.64 -20.21 -7.68
C ARG A 11 11.52 -19.30 -8.19
N MET A 12 11.65 -18.00 -7.94
CA MET A 12 10.64 -17.01 -8.35
C MET A 12 11.22 -15.62 -8.10
N ASP A 13 10.52 -14.64 -8.63
CA ASP A 13 10.86 -13.22 -8.47
C ASP A 13 10.80 -12.83 -7.00
N ILE A 14 11.94 -12.37 -6.45
CA ILE A 14 12.02 -11.88 -5.04
C ILE A 14 11.08 -10.69 -4.79
N ALA A 15 10.69 -9.93 -5.83
CA ALA A 15 9.69 -8.84 -5.70
C ALA A 15 8.29 -9.38 -5.31
N LYS A 16 8.05 -10.68 -5.36
CA LYS A 16 6.78 -11.31 -4.95
C LYS A 16 6.98 -12.14 -3.69
N ASN A 17 7.99 -11.84 -2.86
CA ASN A 17 8.26 -12.65 -1.66
C ASN A 17 7.09 -12.59 -0.67
N ASP A 18 7.07 -13.56 0.23
CA ASP A 18 6.09 -13.67 1.33
C ASP A 18 6.79 -13.53 2.68
N GLU A 19 7.83 -12.68 2.75
CA GLU A 19 8.60 -12.49 4.01
C GLU A 19 8.38 -11.08 4.55
N GLU A 20 8.86 -10.81 5.77
CA GLU A 20 8.61 -9.53 6.47
C GLU A 20 9.57 -8.43 6.00
N CYS A 21 10.58 -8.76 5.19
CA CYS A 21 11.54 -7.79 4.61
C CYS A 21 12.32 -8.44 3.48
N VAL A 22 12.93 -7.61 2.65
CA VAL A 22 13.66 -8.05 1.43
C VAL A 22 15.08 -7.51 1.48
N VAL A 23 16.02 -8.30 1.00
CA VAL A 23 17.40 -7.81 0.73
C VAL A 23 17.48 -7.56 -0.76
N ASN A 24 17.81 -6.32 -1.12
CA ASN A 24 18.16 -5.90 -2.50
C ASN A 24 19.62 -6.26 -2.78
N ALA A 25 19.89 -6.85 -3.94
CA ALA A 25 21.27 -6.95 -4.47
C ALA A 25 21.60 -5.61 -5.15
N ALA A 26 21.90 -4.60 -4.35
CA ALA A 26 21.98 -3.19 -4.77
C ALA A 26 23.32 -2.86 -5.46
N ASN A 27 23.34 -1.72 -6.15
CA ASN A 27 24.61 -1.11 -6.61
C ASN A 27 24.97 -0.02 -5.61
N PRO A 28 26.24 0.39 -5.56
CA PRO A 28 26.65 1.34 -4.53
C PRO A 28 25.96 2.72 -4.66
N ARG A 29 25.39 3.04 -5.82
CA ARG A 29 24.90 4.43 -6.07
C ARG A 29 23.43 4.54 -5.85
N GLY A 30 22.76 3.44 -5.51
CA GLY A 30 21.30 3.51 -5.35
C GLY A 30 20.58 3.75 -6.65
N LEU A 31 21.16 3.32 -7.78
CA LEU A 31 20.47 3.43 -9.09
C LEU A 31 19.51 2.27 -9.28
N PRO A 32 18.49 2.42 -10.14
CA PRO A 32 17.60 1.30 -10.45
C PRO A 32 18.29 0.01 -10.87
N GLY A 33 19.37 0.11 -11.65
CA GLY A 33 20.27 -1.03 -11.89
C GLY A 33 19.69 -2.11 -12.78
N ASP A 34 20.16 -3.34 -12.62
CA ASP A 34 19.70 -4.50 -13.41
C ASP A 34 19.35 -5.69 -12.53
N GLY A 35 18.68 -6.67 -13.12
CA GLY A 35 18.38 -7.97 -12.47
C GLY A 35 17.53 -7.79 -11.22
N VAL A 36 17.93 -8.38 -10.09
CA VAL A 36 17.17 -8.24 -8.82
C VAL A 36 16.95 -6.75 -8.50
N CYS A 37 17.99 -5.93 -8.65
CA CYS A 37 17.91 -4.50 -8.25
C CYS A 37 16.78 -3.81 -9.03
N LYS A 38 16.64 -4.11 -10.32
CA LYS A 38 15.57 -3.44 -11.14
C LYS A 38 14.18 -3.93 -10.72
N ALA A 39 14.03 -5.19 -10.34
CA ALA A 39 12.75 -5.77 -9.87
C ALA A 39 12.38 -5.07 -8.54
N VAL A 40 13.38 -4.84 -7.70
CA VAL A 40 13.17 -4.19 -6.37
C VAL A 40 12.79 -2.72 -6.62
N TYR A 41 13.44 -2.06 -7.57
CA TYR A 41 13.11 -0.66 -7.90
C TYR A 41 11.65 -0.51 -8.39
N LYS A 42 11.19 -1.44 -9.22
CA LYS A 42 9.80 -1.44 -9.77
C LYS A 42 8.79 -1.65 -8.62
N LYS A 43 9.10 -2.50 -7.64
CA LYS A 43 8.14 -2.92 -6.58
C LYS A 43 8.17 -1.91 -5.41
N TRP A 44 9.36 -1.41 -5.05
CA TRP A 44 9.55 -0.53 -3.86
C TRP A 44 10.38 0.70 -4.21
N PRO A 45 9.97 1.55 -5.20
CA PRO A 45 10.81 2.66 -5.64
C PRO A 45 11.11 3.68 -4.54
N GLU A 46 10.19 3.82 -3.58
CA GLU A 46 10.33 4.76 -2.44
C GLU A 46 11.55 4.37 -1.60
N SER A 47 11.97 3.10 -1.65
CA SER A 47 13.08 2.57 -0.82
C SER A 47 14.42 3.04 -1.36
N PHE A 48 14.44 3.68 -2.53
CA PHE A 48 15.71 4.16 -3.13
C PHE A 48 16.07 5.61 -2.77
N LYS A 49 15.28 6.25 -1.90
CA LYS A 49 15.63 7.55 -1.27
C LYS A 49 16.89 7.41 -0.41
N ASN A 50 18.01 8.01 -0.84
CA ASN A 50 19.26 7.99 -0.06
C ASN A 50 19.64 6.53 0.28
N SER A 51 19.56 5.66 -0.70
CA SER A 51 19.97 4.23 -0.51
C SER A 51 21.44 3.97 -0.88
N ALA A 52 22.14 4.92 -1.51
CA ALA A 52 23.56 4.74 -1.86
C ALA A 52 24.37 4.38 -0.63
N THR A 53 25.28 3.39 -0.74
CA THR A 53 26.09 2.88 0.36
C THR A 53 27.27 2.12 -0.23
N PRO A 54 28.42 2.05 0.45
CA PRO A 54 29.61 1.47 -0.14
C PRO A 54 29.56 -0.04 -0.29
N VAL A 55 30.46 -0.56 -1.11
CA VAL A 55 30.63 -2.02 -1.24
C VAL A 55 30.90 -2.62 0.14
N GLY A 56 30.29 -3.77 0.41
CA GLY A 56 30.54 -4.49 1.68
C GLY A 56 29.61 -4.06 2.80
N THR A 57 28.64 -3.19 2.53
CA THR A 57 27.73 -2.62 3.54
C THR A 57 26.29 -2.85 3.14
N ALA A 58 25.38 -2.63 4.11
CA ALA A 58 23.93 -2.73 3.88
C ALA A 58 23.27 -1.52 4.51
N LYS A 59 22.34 -0.95 3.80
CA LYS A 59 21.60 0.25 4.26
C LYS A 59 20.13 -0.05 4.09
N THR A 60 19.33 0.09 5.16
CA THR A 60 17.88 -0.17 5.12
C THR A 60 17.12 1.13 4.91
N VAL A 61 16.18 1.12 4.01
CA VAL A 61 15.23 2.21 3.73
C VAL A 61 13.84 1.59 3.69
N MET A 62 12.90 2.20 4.41
N MET A 62 12.90 2.19 4.43
CA MET A 62 11.50 1.72 4.53
CA MET A 62 11.49 1.72 4.50
C MET A 62 10.71 2.12 3.27
C MET A 62 10.74 2.11 3.23
N CYS A 63 9.89 1.21 2.76
CA CYS A 63 8.83 1.52 1.77
C CYS A 63 7.55 1.32 2.59
N GLY A 64 6.90 2.41 3.00
CA GLY A 64 5.81 2.35 3.99
C GLY A 64 6.37 1.84 5.31
N THR A 65 5.92 0.67 5.78
CA THR A 65 6.52 -0.01 6.93
C THR A 65 7.28 -1.26 6.49
N TYR A 66 7.47 -1.47 5.19
CA TYR A 66 8.13 -2.71 4.69
C TYR A 66 9.62 -2.41 4.49
N PRO A 67 10.55 -3.08 5.20
CA PRO A 67 11.98 -2.73 5.07
C PRO A 67 12.68 -3.35 3.84
N VAL A 68 13.41 -2.51 3.10
CA VAL A 68 14.29 -2.92 1.98
C VAL A 68 15.73 -2.75 2.45
N ILE A 69 16.46 -3.84 2.60
CA ILE A 69 17.87 -3.84 3.07
C ILE A 69 18.72 -3.83 1.78
N HIS A 70 19.30 -2.70 1.45
CA HIS A 70 20.18 -2.55 0.25
C HIS A 70 21.57 -3.08 0.57
N ALA A 71 21.92 -4.27 0.07
CA ALA A 71 23.22 -4.95 0.37
C ALA A 71 24.07 -4.90 -0.90
N VAL A 72 25.25 -4.31 -0.78
CA VAL A 72 26.16 -4.05 -1.95
C VAL A 72 27.31 -5.05 -1.97
N GLY A 73 27.16 -6.09 -2.79
CA GLY A 73 28.20 -7.09 -3.05
C GLY A 73 29.24 -6.46 -3.98
N PRO A 74 30.46 -6.96 -3.96
CA PRO A 74 31.48 -6.55 -4.93
C PRO A 74 31.23 -7.05 -6.34
N ASN A 75 31.63 -6.21 -7.30
CA ASN A 75 31.69 -6.59 -8.73
C ASN A 75 33.05 -7.26 -8.95
N PHE A 76 33.09 -8.56 -9.19
CA PHE A 76 34.34 -9.35 -9.34
C PHE A 76 35.05 -9.00 -10.66
N SER A 77 34.42 -8.22 -11.53
CA SER A 77 35.10 -7.61 -12.71
C SER A 77 36.13 -6.56 -12.27
N ASN A 78 35.97 -5.99 -11.07
CA ASN A 78 36.84 -4.87 -10.58
C ASN A 78 37.74 -5.30 -9.44
N TYR A 79 37.23 -6.15 -8.55
CA TYR A 79 37.96 -6.61 -7.35
C TYR A 79 38.77 -7.85 -7.70
N THR A 80 39.91 -8.04 -7.02
CA THR A 80 40.67 -9.31 -6.99
C THR A 80 39.78 -10.39 -6.37
N GLU A 81 40.02 -11.66 -6.70
CA GLU A 81 39.32 -12.81 -6.06
C GLU A 81 39.37 -12.66 -4.54
N SER A 82 40.54 -12.31 -4.00
CA SER A 82 40.81 -12.20 -2.55
C SER A 82 40.01 -11.05 -1.93
N GLU A 83 40.10 -9.85 -2.50
CA GLU A 83 39.43 -8.65 -1.92
C GLU A 83 37.91 -8.79 -2.12
N GLY A 84 37.52 -9.34 -3.24
CA GLY A 84 36.10 -9.56 -3.59
C GLY A 84 35.49 -10.50 -2.59
N ASP A 85 36.22 -11.57 -2.27
CA ASP A 85 35.73 -12.57 -1.29
C ASP A 85 35.51 -11.93 0.07
N ARG A 86 36.43 -11.07 0.51
CA ARG A 86 36.34 -10.34 1.80
C ARG A 86 35.11 -9.41 1.80
N GLU A 87 34.89 -8.66 0.72
CA GLU A 87 33.78 -7.68 0.67
C GLU A 87 32.45 -8.46 0.61
N LEU A 88 32.42 -9.62 -0.06
CA LEU A 88 31.16 -10.38 -0.20
C LEU A 88 30.77 -10.92 1.20
N ALA A 89 31.73 -11.47 1.92
CA ALA A 89 31.48 -11.92 3.31
C ALA A 89 31.01 -10.75 4.16
N ALA A 90 31.62 -9.58 4.03
CA ALA A 90 31.28 -8.38 4.82
C ALA A 90 29.82 -7.95 4.52
N ALA A 91 29.41 -7.88 3.26
CA ALA A 91 28.04 -7.45 2.89
C ALA A 91 27.03 -8.34 3.65
N TYR A 92 27.24 -9.66 3.65
CA TYR A 92 26.28 -10.55 4.36
C TYR A 92 26.33 -10.30 5.87
N ARG A 93 27.50 -10.07 6.47
CA ARG A 93 27.51 -9.76 7.94
C ARG A 93 26.68 -8.51 8.22
N GLU A 94 26.72 -7.49 7.35
CA GLU A 94 25.93 -6.24 7.56
C GLU A 94 24.45 -6.56 7.37
N VAL A 95 24.07 -7.49 6.50
CA VAL A 95 22.66 -7.92 6.34
C VAL A 95 22.20 -8.55 7.66
N ALA A 96 22.98 -9.44 8.25
CA ALA A 96 22.57 -10.07 9.54
C ALA A 96 22.33 -9.00 10.61
N LYS A 97 23.18 -7.99 10.72
CA LYS A 97 23.01 -6.89 11.70
C LYS A 97 21.67 -6.20 11.44
N GLU A 98 21.38 -5.86 10.19
CA GLU A 98 20.13 -5.14 9.89
C GLU A 98 18.89 -5.98 10.19
N VAL A 99 18.90 -7.25 9.80
CA VAL A 99 17.75 -8.15 10.02
C VAL A 99 17.52 -8.22 11.54
N THR A 100 18.63 -8.30 12.28
CA THR A 100 18.52 -8.41 13.77
C THR A 100 17.92 -7.11 14.32
N ARG A 101 18.43 -5.97 13.89
CA ARG A 101 17.98 -4.64 14.39
C ARG A 101 16.49 -4.44 14.11
N LEU A 102 15.99 -4.90 12.95
CA LEU A 102 14.62 -4.65 12.50
C LEU A 102 13.66 -5.51 13.34
N GLY A 103 14.12 -6.62 13.90
CA GLY A 103 13.27 -7.52 14.71
C GLY A 103 12.28 -8.33 13.87
N VAL A 104 12.52 -8.48 12.55
CA VAL A 104 11.67 -9.30 11.65
C VAL A 104 11.78 -10.78 12.02
N ASN A 105 10.74 -11.53 11.71
CA ASN A 105 10.73 -13.00 11.89
C ASN A 105 11.08 -13.72 10.59
N SER A 106 11.21 -12.99 9.47
CA SER A 106 11.55 -13.65 8.18
C SER A 106 12.19 -12.60 7.25
N VAL A 107 12.98 -13.08 6.31
CA VAL A 107 13.71 -12.24 5.32
C VAL A 107 13.84 -13.01 4.02
N ALA A 108 13.64 -12.33 2.90
CA ALA A 108 13.84 -12.79 1.50
C ALA A 108 15.23 -12.30 1.05
N ILE A 109 16.09 -13.20 0.58
N ILE A 109 16.12 -13.22 0.66
CA ILE A 109 17.50 -12.83 0.25
CA ILE A 109 17.54 -12.90 0.31
C ILE A 109 17.94 -13.48 -1.05
C ILE A 109 17.85 -13.46 -1.08
N PRO A 110 18.53 -12.68 -1.97
CA PRO A 110 19.15 -13.23 -3.19
C PRO A 110 20.61 -13.61 -2.92
N LEU A 111 21.24 -14.36 -3.83
CA LEU A 111 22.70 -14.66 -3.67
C LEU A 111 23.49 -13.49 -4.25
N LEU A 112 24.09 -12.69 -3.37
CA LEU A 112 24.88 -11.51 -3.74
C LEU A 112 26.03 -11.90 -4.64
N SER A 113 26.31 -11.04 -5.63
CA SER A 113 27.47 -11.12 -6.57
C SER A 113 27.43 -12.37 -7.45
N THR A 114 26.27 -12.99 -7.69
CA THR A 114 26.16 -14.21 -8.56
C THR A 114 25.62 -13.86 -9.94
N GLY A 115 25.19 -12.62 -10.17
CA GLY A 115 24.59 -12.16 -11.44
C GLY A 115 25.62 -11.39 -12.25
N VAL A 116 25.30 -10.16 -12.65
CA VAL A 116 26.21 -9.30 -13.47
C VAL A 116 27.46 -8.88 -12.68
N TYR A 117 27.52 -9.05 -11.35
CA TYR A 117 28.73 -8.78 -10.55
C TYR A 117 29.61 -10.04 -10.37
N SER A 118 29.27 -11.18 -11.00
CA SER A 118 30.01 -12.47 -10.83
C SER A 118 31.35 -12.48 -11.59
N GLY A 119 31.64 -11.48 -12.42
CA GLY A 119 32.88 -11.54 -13.24
C GLY A 119 32.90 -12.78 -14.15
N GLY A 120 31.72 -13.22 -14.58
CA GLY A 120 31.49 -14.36 -15.49
C GLY A 120 31.79 -15.73 -14.92
N LYS A 121 31.79 -15.85 -13.59
CA LYS A 121 32.06 -17.13 -12.89
C LYS A 121 30.79 -17.57 -12.15
N ASP A 122 30.71 -18.88 -11.93
CA ASP A 122 29.67 -19.51 -11.07
C ASP A 122 30.12 -19.34 -9.63
N ARG A 123 29.37 -18.56 -8.84
CA ARG A 123 29.73 -18.24 -7.43
C ARG A 123 28.61 -18.69 -6.49
N LEU A 124 27.80 -19.69 -6.90
CA LEU A 124 26.69 -20.21 -6.05
C LEU A 124 27.25 -20.60 -4.68
N THR A 125 28.22 -21.50 -4.62
CA THR A 125 28.75 -22.08 -3.36
C THR A 125 29.42 -20.96 -2.54
N GLN A 126 30.22 -20.11 -3.17
CA GLN A 126 30.96 -19.03 -2.47
C GLN A 126 29.94 -18.10 -1.79
N SER A 127 28.95 -17.64 -2.54
CA SER A 127 27.96 -16.64 -2.07
C SER A 127 27.08 -17.28 -0.99
N LEU A 128 26.57 -18.48 -1.26
CA LEU A 128 25.70 -19.22 -0.30
C LEU A 128 26.45 -19.48 1.01
N ASN A 129 27.72 -19.85 0.99
CA ASN A 129 28.45 -20.18 2.23
C ASN A 129 28.63 -18.90 3.03
N HIS A 130 28.86 -17.75 2.38
CA HIS A 130 29.00 -16.47 3.11
C HIS A 130 27.65 -16.06 3.71
N LEU A 131 26.55 -16.38 3.04
CA LEU A 131 25.18 -16.13 3.52
C LEU A 131 24.99 -16.93 4.83
N PHE A 132 25.32 -18.21 4.78
CA PHE A 132 25.16 -19.10 5.97
C PHE A 132 26.02 -18.58 7.11
N THR A 133 27.28 -18.21 6.83
CA THR A 133 28.20 -17.76 7.92
C THR A 133 27.56 -16.59 8.69
N ALA A 134 26.94 -15.67 7.97
CA ALA A 134 26.32 -14.46 8.52
C ALA A 134 25.00 -14.80 9.22
N MET A 135 24.13 -15.55 8.56
CA MET A 135 22.73 -15.67 8.98
C MET A 135 22.55 -16.80 10.00
N ASP A 136 23.54 -17.68 10.15
CA ASP A 136 23.37 -18.86 11.05
C ASP A 136 23.03 -18.44 12.47
N SER A 137 23.55 -17.31 12.94
CA SER A 137 23.36 -16.85 14.33
C SER A 137 22.09 -16.00 14.46
N THR A 138 21.35 -15.73 13.37
CA THR A 138 20.09 -14.96 13.46
C THR A 138 18.94 -15.95 13.66
N ASP A 139 17.79 -15.49 14.16
CA ASP A 139 16.65 -16.43 14.35
C ASP A 139 15.51 -16.10 13.39
N ALA A 140 15.76 -15.32 12.33
CA ALA A 140 14.73 -15.12 11.27
C ALA A 140 14.61 -16.35 10.35
N ASP A 141 13.42 -16.67 9.87
CA ASP A 141 13.25 -17.63 8.75
C ASP A 141 13.89 -17.00 7.51
N VAL A 142 14.87 -17.66 6.91
CA VAL A 142 15.55 -17.11 5.69
C VAL A 142 15.00 -17.84 4.48
N VAL A 143 14.53 -17.10 3.49
CA VAL A 143 14.07 -17.68 2.21
C VAL A 143 14.94 -17.11 1.10
N ILE A 144 15.74 -17.98 0.49
CA ILE A 144 16.69 -17.62 -0.60
C ILE A 144 15.93 -17.69 -1.90
N TYR A 145 16.08 -16.68 -2.74
CA TYR A 145 15.39 -16.58 -4.04
C TYR A 145 16.42 -16.78 -5.17
N CYS A 146 16.04 -17.53 -6.17
CA CYS A 146 16.83 -17.72 -7.41
C CYS A 146 15.89 -17.78 -8.61
N ARG A 147 16.49 -17.85 -9.81
CA ARG A 147 15.85 -17.76 -11.15
C ARG A 147 15.85 -19.14 -11.84
N ASP A 148 16.99 -19.84 -11.78
CA ASP A 148 17.27 -20.99 -12.67
C ASP A 148 17.12 -22.31 -11.91
N LYS A 149 16.50 -23.29 -12.58
CA LYS A 149 16.17 -24.62 -12.01
C LYS A 149 17.40 -25.33 -11.45
N GLU A 150 18.54 -25.27 -12.14
CA GLU A 150 19.77 -25.95 -11.66
C GLU A 150 20.27 -25.28 -10.36
N TRP A 151 20.14 -23.96 -10.25
CA TRP A 151 20.52 -23.21 -9.00
C TRP A 151 19.60 -23.65 -7.85
N GLU A 152 18.29 -23.75 -8.07
CA GLU A 152 17.31 -24.17 -7.03
C GLU A 152 17.75 -25.54 -6.49
N LYS A 153 18.08 -26.48 -7.38
CA LYS A 153 18.45 -27.87 -6.99
C LYS A 153 19.70 -27.82 -6.11
N LYS A 154 20.74 -27.08 -6.52
CA LYS A 154 22.03 -27.03 -5.78
C LYS A 154 21.86 -26.29 -4.44
N ILE A 155 21.07 -25.22 -4.41
CA ILE A 155 20.83 -24.49 -3.13
C ILE A 155 20.05 -25.41 -2.18
N SER A 156 19.02 -26.08 -2.68
CA SER A 156 18.21 -27.00 -1.85
C SER A 156 19.10 -28.12 -1.25
N GLU A 157 19.98 -28.70 -2.07
CA GLU A 157 20.91 -29.79 -1.65
C GLU A 157 21.81 -29.28 -0.51
N ALA A 158 22.35 -28.06 -0.64
CA ALA A 158 23.25 -27.45 0.36
C ALA A 158 22.50 -27.25 1.68
N ILE A 159 21.24 -26.81 1.61
CA ILE A 159 20.41 -26.60 2.83
C ILE A 159 20.20 -27.96 3.52
N GLN A 160 19.83 -28.97 2.75
CA GLN A 160 19.49 -30.33 3.27
C GLN A 160 20.76 -30.99 3.81
N MET A 161 21.92 -30.72 3.20
CA MET A 161 23.21 -31.32 3.63
C MET A 161 23.48 -30.99 5.10
N ARG A 162 22.93 -29.89 5.65
CA ARG A 162 23.21 -29.46 7.05
C ARG A 162 22.14 -29.98 8.05
N THR A 163 20.96 -30.41 7.59
CA THR A 163 19.78 -30.73 8.45
C THR A 163 19.71 -32.24 8.74
N GLY B 1 -16.77 -29.70 6.53
CA GLY B 1 -17.75 -29.05 5.61
C GLY B 1 -18.24 -27.71 6.14
N ALA B 2 -18.94 -26.94 5.30
CA ALA B 2 -19.61 -25.68 5.66
C ALA B 2 -20.90 -26.01 6.41
N MET B 3 -21.25 -25.22 7.43
CA MET B 3 -22.38 -25.53 8.37
C MET B 3 -23.66 -25.73 7.56
N ALA B 4 -23.89 -24.86 6.58
CA ALA B 4 -24.99 -24.97 5.60
C ALA B 4 -24.40 -24.71 4.21
N PRO B 5 -23.80 -25.75 3.57
CA PRO B 5 -23.17 -25.60 2.26
C PRO B 5 -24.01 -24.73 1.31
N SER B 6 -23.39 -23.69 0.74
CA SER B 6 -24.05 -22.68 -0.12
C SER B 6 -23.22 -22.41 -1.37
N TYR B 7 -23.85 -21.78 -2.37
CA TYR B 7 -23.19 -21.11 -3.50
C TYR B 7 -23.38 -19.58 -3.32
N ARG B 8 -22.33 -18.80 -3.61
CA ARG B 8 -22.34 -17.31 -3.59
C ARG B 8 -21.60 -16.81 -4.84
N VAL B 9 -21.99 -15.64 -5.38
CA VAL B 9 -21.28 -15.00 -6.52
C VAL B 9 -20.71 -13.65 -6.06
N LYS B 10 -19.44 -13.41 -6.37
CA LYS B 10 -18.70 -12.15 -6.09
C LYS B 10 -18.14 -11.59 -7.38
N ARG B 11 -18.72 -10.50 -7.89
CA ARG B 11 -18.18 -9.70 -9.02
C ARG B 11 -17.00 -8.87 -8.54
N MET B 12 -15.80 -9.45 -8.65
CA MET B 12 -14.52 -8.84 -8.27
C MET B 12 -13.41 -9.77 -8.77
N ASP B 13 -12.16 -9.41 -8.50
CA ASP B 13 -10.94 -10.18 -8.87
C ASP B 13 -10.87 -11.44 -7.99
N ILE B 14 -10.52 -12.60 -8.58
CA ILE B 14 -10.45 -13.90 -7.84
C ILE B 14 -9.13 -13.99 -7.06
N ALA B 15 -8.07 -13.30 -7.52
CA ALA B 15 -6.75 -13.20 -6.84
C ALA B 15 -6.92 -12.67 -5.40
N LYS B 16 -7.95 -11.84 -5.19
CA LYS B 16 -8.32 -11.24 -3.89
C LYS B 16 -9.51 -12.03 -3.31
N ASN B 17 -9.35 -13.36 -3.13
CA ASN B 17 -10.41 -14.23 -2.54
C ASN B 17 -10.15 -14.41 -1.05
N ASP B 18 -11.22 -14.41 -0.26
CA ASP B 18 -11.22 -14.64 1.22
C ASP B 18 -11.52 -16.13 1.49
N GLU B 19 -11.74 -16.94 0.45
CA GLU B 19 -12.04 -18.40 0.59
C GLU B 19 -10.76 -19.17 0.90
N GLU B 20 -10.88 -20.45 1.26
CA GLU B 20 -9.79 -21.29 1.83
C GLU B 20 -8.89 -21.89 0.73
N CYS B 21 -9.33 -21.83 -0.54
CA CYS B 21 -8.49 -22.22 -1.71
C CYS B 21 -9.07 -21.59 -2.98
N VAL B 22 -8.32 -21.62 -4.09
CA VAL B 22 -8.76 -21.01 -5.38
C VAL B 22 -8.58 -22.06 -6.50
N VAL B 23 -9.52 -21.96 -7.44
CA VAL B 23 -9.43 -22.68 -8.72
C VAL B 23 -8.87 -21.68 -9.74
N ASN B 24 -7.76 -22.05 -10.31
CA ASN B 24 -7.15 -21.32 -11.47
C ASN B 24 -7.76 -21.87 -12.77
N ALA B 25 -8.20 -20.98 -13.65
CA ALA B 25 -8.55 -21.33 -15.04
C ALA B 25 -7.23 -21.46 -15.81
N ALA B 26 -6.57 -22.58 -15.69
CA ALA B 26 -5.18 -22.81 -16.11
C ALA B 26 -5.09 -23.14 -17.62
N ASN B 27 -3.89 -22.98 -18.19
CA ASN B 27 -3.55 -23.61 -19.48
C ASN B 27 -2.87 -24.93 -19.19
N PRO B 28 -2.73 -25.85 -20.18
CA PRO B 28 -2.15 -27.16 -19.96
C PRO B 28 -0.65 -27.16 -19.61
N ARG B 29 0.04 -26.06 -19.87
CA ARG B 29 1.53 -26.02 -19.84
C ARG B 29 2.01 -25.33 -18.57
N GLY B 30 1.13 -24.84 -17.71
CA GLY B 30 1.55 -24.09 -16.51
C GLY B 30 2.18 -22.75 -16.82
N LEU B 31 1.78 -22.12 -17.94
CA LEU B 31 2.26 -20.78 -18.29
C LEU B 31 1.44 -19.71 -17.62
N PRO B 32 2.00 -18.49 -17.48
CA PRO B 32 1.24 -17.38 -16.90
C PRO B 32 -0.09 -17.05 -17.58
N GLY B 33 -0.15 -17.15 -18.91
CA GLY B 33 -1.46 -17.13 -19.61
C GLY B 33 -2.16 -15.79 -19.61
N ASP B 34 -3.49 -15.80 -19.70
CA ASP B 34 -4.30 -14.56 -19.79
C ASP B 34 -5.44 -14.61 -18.76
N GLY B 35 -6.11 -13.47 -18.59
CA GLY B 35 -7.33 -13.35 -17.75
C GLY B 35 -7.12 -13.82 -16.33
N VAL B 36 -8.03 -14.68 -15.83
CA VAL B 36 -7.91 -15.27 -14.47
C VAL B 36 -6.52 -15.87 -14.25
N CYS B 37 -6.00 -16.64 -15.20
CA CYS B 37 -4.71 -17.32 -15.05
C CYS B 37 -3.59 -16.29 -14.77
N LYS B 38 -3.62 -15.18 -15.50
CA LYS B 38 -2.58 -14.12 -15.32
C LYS B 38 -2.79 -13.50 -13.91
N ALA B 39 -4.03 -13.19 -13.52
CA ALA B 39 -4.37 -12.66 -12.18
C ALA B 39 -3.82 -13.60 -11.12
N VAL B 40 -3.97 -14.92 -11.34
CA VAL B 40 -3.52 -15.98 -10.40
C VAL B 40 -2.00 -16.07 -10.37
N TYR B 41 -1.35 -15.87 -11.52
CA TYR B 41 0.13 -15.78 -11.62
C TYR B 41 0.61 -14.49 -10.94
N LYS B 42 -0.18 -13.41 -10.96
CA LYS B 42 0.21 -12.13 -10.31
C LYS B 42 0.10 -12.27 -8.78
N LYS B 43 -0.91 -12.98 -8.28
CA LYS B 43 -1.22 -13.07 -6.84
C LYS B 43 -0.46 -14.22 -6.18
N TRP B 44 -0.48 -15.41 -6.79
CA TRP B 44 0.11 -16.65 -6.21
C TRP B 44 1.11 -17.26 -7.18
N PRO B 45 2.17 -16.54 -7.61
CA PRO B 45 3.16 -17.08 -8.57
C PRO B 45 3.84 -18.40 -8.14
N GLU B 46 4.04 -18.59 -6.84
CA GLU B 46 4.63 -19.83 -6.27
C GLU B 46 3.84 -21.06 -6.74
N SER B 47 2.51 -20.94 -6.96
CA SER B 47 1.62 -22.09 -7.30
C SER B 47 1.95 -22.73 -8.68
N PHE B 48 2.75 -22.09 -9.54
CA PHE B 48 2.91 -22.58 -10.92
C PHE B 48 4.03 -23.59 -11.09
N LYS B 49 4.74 -23.95 -10.03
CA LYS B 49 5.82 -24.97 -10.08
C LYS B 49 5.20 -26.33 -10.40
N ASN B 50 5.60 -26.94 -11.52
CA ASN B 50 5.09 -28.24 -12.04
C ASN B 50 3.56 -28.26 -12.06
N SER B 51 2.92 -27.16 -12.46
CA SER B 51 1.43 -27.05 -12.53
C SER B 51 0.90 -27.61 -13.85
N ALA B 52 1.75 -27.91 -14.84
CA ALA B 52 1.30 -28.46 -16.15
C ALA B 52 0.50 -29.78 -15.97
N THR B 53 -0.66 -29.88 -16.64
CA THR B 53 -1.58 -31.05 -16.58
C THR B 53 -2.50 -31.02 -17.81
N PRO B 54 -3.02 -32.16 -18.27
CA PRO B 54 -3.82 -32.22 -19.48
C PRO B 54 -5.19 -31.56 -19.37
N VAL B 55 -5.74 -31.29 -20.55
CA VAL B 55 -7.13 -30.76 -20.65
C VAL B 55 -8.06 -31.76 -19.97
N GLY B 56 -9.02 -31.24 -19.21
CA GLY B 56 -10.04 -32.05 -18.52
C GLY B 56 -9.56 -32.53 -17.16
N THR B 57 -8.41 -32.04 -16.68
CA THR B 57 -7.83 -32.45 -15.36
C THR B 57 -7.57 -31.25 -14.48
N ALA B 58 -7.39 -31.52 -13.20
CA ALA B 58 -7.03 -30.48 -12.21
C ALA B 58 -5.82 -30.97 -11.44
N LYS B 59 -4.88 -30.07 -11.18
CA LYS B 59 -3.61 -30.35 -10.42
C LYS B 59 -3.43 -29.28 -9.34
N THR B 60 -3.35 -29.69 -8.07
CA THR B 60 -3.27 -28.75 -6.94
C THR B 60 -1.79 -28.53 -6.61
N VAL B 61 -1.39 -27.27 -6.46
CA VAL B 61 -0.04 -26.89 -5.92
C VAL B 61 -0.26 -25.90 -4.78
N MET B 62 0.43 -26.11 -3.68
CA MET B 62 0.30 -25.24 -2.49
C MET B 62 1.09 -23.92 -2.70
N CYS B 63 0.50 -22.80 -2.31
CA CYS B 63 1.25 -21.54 -2.12
C CYS B 63 1.36 -21.32 -0.61
N GLY B 64 2.22 -22.09 0.04
CA GLY B 64 2.37 -22.17 1.51
C GLY B 64 1.39 -23.19 2.06
N THR B 65 0.33 -22.68 2.69
CA THR B 65 -0.88 -23.44 3.07
C THR B 65 -2.12 -22.94 2.30
N TYR B 66 -1.98 -22.17 1.21
CA TYR B 66 -3.12 -21.81 0.30
C TYR B 66 -3.08 -22.73 -0.92
N PRO B 67 -4.02 -23.72 -1.05
CA PRO B 67 -4.09 -24.60 -2.22
C PRO B 67 -4.59 -23.83 -3.46
N VAL B 68 -3.80 -23.89 -4.52
CA VAL B 68 -4.19 -23.45 -5.89
C VAL B 68 -4.48 -24.71 -6.73
N ILE B 69 -5.75 -24.85 -7.13
CA ILE B 69 -6.22 -26.01 -7.94
C ILE B 69 -6.20 -25.55 -9.42
N HIS B 70 -5.25 -26.05 -10.18
CA HIS B 70 -5.09 -25.65 -11.63
C HIS B 70 -6.02 -26.55 -12.44
N ALA B 71 -7.12 -25.99 -12.91
CA ALA B 71 -8.16 -26.75 -13.66
C ALA B 71 -8.06 -26.33 -15.14
N VAL B 72 -7.85 -27.31 -16.01
CA VAL B 72 -7.62 -27.07 -17.47
C VAL B 72 -8.92 -27.37 -18.24
N GLY B 73 -9.68 -26.34 -18.52
CA GLY B 73 -10.83 -26.44 -19.43
C GLY B 73 -10.35 -26.42 -20.89
N PRO B 74 -11.19 -26.93 -21.79
CA PRO B 74 -10.82 -27.00 -23.21
C PRO B 74 -10.84 -25.60 -23.82
N ASN B 75 -10.00 -25.41 -24.86
CA ASN B 75 -10.11 -24.22 -25.74
C ASN B 75 -11.09 -24.59 -26.87
N PHE B 76 -12.24 -23.97 -26.91
CA PHE B 76 -13.28 -24.25 -27.94
C PHE B 76 -12.80 -23.71 -29.32
N SER B 77 -11.71 -22.94 -29.43
CA SER B 77 -11.08 -22.66 -30.76
C SER B 77 -10.55 -23.98 -31.35
N ASN B 78 -10.18 -24.94 -30.51
CA ASN B 78 -9.46 -26.16 -30.94
C ASN B 78 -10.36 -27.39 -30.86
N TYR B 79 -11.19 -27.51 -29.84
CA TYR B 79 -12.10 -28.67 -29.60
C TYR B 79 -13.42 -28.42 -30.35
N THR B 80 -14.06 -29.48 -30.81
CA THR B 80 -15.46 -29.40 -31.27
C THR B 80 -16.40 -29.12 -30.10
N GLU B 81 -17.60 -28.64 -30.38
CA GLU B 81 -18.62 -28.44 -29.31
C GLU B 81 -18.78 -29.74 -28.53
N SER B 82 -18.82 -30.89 -29.21
CA SER B 82 -19.07 -32.18 -28.51
C SER B 82 -17.87 -32.54 -27.62
N GLU B 83 -16.66 -32.53 -28.16
CA GLU B 83 -15.50 -33.02 -27.39
C GLU B 83 -15.20 -32.01 -26.30
N GLY B 84 -15.37 -30.72 -26.59
CA GLY B 84 -15.16 -29.63 -25.62
C GLY B 84 -16.13 -29.77 -24.45
N ASP B 85 -17.38 -30.05 -24.72
CA ASP B 85 -18.39 -30.18 -23.61
C ASP B 85 -17.96 -31.28 -22.64
N ARG B 86 -17.46 -32.41 -23.15
CA ARG B 86 -17.06 -33.56 -22.33
C ARG B 86 -15.86 -33.14 -21.46
N GLU B 87 -14.86 -32.46 -22.08
CA GLU B 87 -13.62 -32.08 -21.34
C GLU B 87 -13.97 -31.03 -20.29
N LEU B 88 -14.93 -30.14 -20.54
CA LEU B 88 -15.30 -29.08 -19.58
C LEU B 88 -16.00 -29.71 -18.37
N ALA B 89 -16.86 -30.68 -18.60
CA ALA B 89 -17.51 -31.44 -17.50
C ALA B 89 -16.43 -32.17 -16.69
N ALA B 90 -15.44 -32.79 -17.35
CA ALA B 90 -14.36 -33.57 -16.73
C ALA B 90 -13.52 -32.66 -15.83
N ALA B 91 -13.16 -31.47 -16.32
CA ALA B 91 -12.32 -30.53 -15.53
C ALA B 91 -13.05 -30.25 -14.23
N TYR B 92 -14.35 -29.93 -14.28
CA TYR B 92 -15.10 -29.62 -13.05
C TYR B 92 -15.21 -30.87 -12.16
N ARG B 93 -15.39 -32.08 -12.71
CA ARG B 93 -15.40 -33.28 -11.82
C ARG B 93 -14.08 -33.44 -11.06
N GLU B 94 -12.93 -33.16 -11.71
N GLU B 94 -12.94 -33.12 -11.69
CA GLU B 94 -11.60 -33.25 -11.04
CA GLU B 94 -11.62 -33.26 -11.05
C GLU B 94 -11.51 -32.16 -9.96
C GLU B 94 -11.45 -32.14 -10.00
N VAL B 95 -12.06 -30.97 -10.22
CA VAL B 95 -12.07 -29.88 -9.21
C VAL B 95 -12.84 -30.38 -7.96
N ALA B 96 -14.00 -31.01 -8.11
CA ALA B 96 -14.79 -31.54 -6.98
C ALA B 96 -13.99 -32.58 -6.17
N LYS B 97 -13.30 -33.50 -6.84
CA LYS B 97 -12.41 -34.48 -6.17
C LYS B 97 -11.30 -33.78 -5.40
N GLU B 98 -10.69 -32.75 -5.98
CA GLU B 98 -9.59 -32.01 -5.27
C GLU B 98 -10.11 -31.26 -4.04
N VAL B 99 -11.20 -30.51 -4.18
CA VAL B 99 -11.80 -29.78 -3.05
C VAL B 99 -12.10 -30.79 -1.93
N THR B 100 -12.62 -31.95 -2.30
CA THR B 100 -13.00 -33.01 -1.31
C THR B 100 -11.72 -33.50 -0.63
N ARG B 101 -10.69 -33.82 -1.39
CA ARG B 101 -9.41 -34.39 -0.85
C ARG B 101 -8.74 -33.42 0.12
N LEU B 102 -8.78 -32.13 -0.16
CA LEU B 102 -8.11 -31.05 0.60
C LEU B 102 -8.85 -30.82 1.93
N GLY B 103 -10.15 -31.12 2.04
CA GLY B 103 -10.91 -30.89 3.28
C GLY B 103 -11.22 -29.43 3.56
N VAL B 104 -11.12 -28.55 2.58
CA VAL B 104 -11.51 -27.12 2.72
C VAL B 104 -13.00 -27.00 3.01
N ASN B 105 -13.37 -25.91 3.68
CA ASN B 105 -14.76 -25.50 3.95
C ASN B 105 -15.19 -24.46 2.92
N SER B 106 -14.26 -23.95 2.11
CA SER B 106 -14.64 -22.98 1.05
C SER B 106 -13.64 -23.05 -0.11
N VAL B 107 -14.11 -22.55 -1.25
CA VAL B 107 -13.35 -22.56 -2.55
C VAL B 107 -13.89 -21.42 -3.41
N ALA B 108 -12.97 -20.65 -3.99
CA ALA B 108 -13.19 -19.59 -5.01
C ALA B 108 -13.00 -20.25 -6.38
N ILE B 109 -13.98 -20.09 -7.26
N ILE B 109 -14.02 -20.13 -7.23
CA ILE B 109 -13.98 -20.79 -8.57
CA ILE B 109 -14.12 -20.79 -8.56
C ILE B 109 -14.49 -19.86 -9.67
C ILE B 109 -14.46 -19.75 -9.64
N PRO B 110 -13.72 -19.72 -10.78
CA PRO B 110 -14.17 -18.95 -11.94
C PRO B 110 -14.95 -19.88 -12.90
N LEU B 111 -15.64 -19.34 -13.89
CA LEU B 111 -16.35 -20.16 -14.93
C LEU B 111 -15.33 -20.58 -16.01
N LEU B 112 -14.90 -21.84 -15.96
CA LEU B 112 -13.92 -22.41 -16.89
C LEU B 112 -14.45 -22.28 -18.33
N SER B 113 -13.51 -21.98 -19.22
CA SER B 113 -13.68 -21.90 -20.70
C SER B 113 -14.64 -20.75 -21.11
N THR B 114 -14.84 -19.71 -20.28
CA THR B 114 -15.75 -18.60 -20.65
C THR B 114 -14.96 -17.35 -21.09
N GLY B 115 -13.63 -17.35 -20.98
CA GLY B 115 -12.75 -16.22 -21.39
C GLY B 115 -12.18 -16.46 -22.77
N VAL B 116 -10.85 -16.41 -22.88
CA VAL B 116 -10.19 -16.58 -24.21
C VAL B 116 -10.35 -18.03 -24.70
N TYR B 117 -10.73 -19.00 -23.88
CA TYR B 117 -10.98 -20.38 -24.38
C TYR B 117 -12.44 -20.57 -24.87
N SER B 118 -13.31 -19.55 -24.85
CA SER B 118 -14.72 -19.65 -25.26
C SER B 118 -14.94 -19.80 -26.78
N GLY B 119 -13.91 -19.55 -27.59
CA GLY B 119 -14.07 -19.62 -29.05
C GLY B 119 -15.07 -18.59 -29.50
N GLY B 120 -15.14 -17.45 -28.80
CA GLY B 120 -15.99 -16.29 -29.09
C GLY B 120 -17.48 -16.46 -28.80
N LYS B 121 -17.85 -17.46 -27.99
CA LYS B 121 -19.27 -17.75 -27.65
C LYS B 121 -19.51 -17.44 -26.17
N ASP B 122 -20.73 -17.03 -25.85
CA ASP B 122 -21.22 -16.85 -24.45
C ASP B 122 -21.46 -18.26 -23.90
N ARG B 123 -20.70 -18.66 -22.88
CA ARG B 123 -20.78 -20.06 -22.33
C ARG B 123 -21.16 -20.01 -20.85
N LEU B 124 -21.77 -18.92 -20.38
CA LEU B 124 -22.06 -18.76 -18.92
C LEU B 124 -22.92 -19.96 -18.47
N THR B 125 -23.99 -20.25 -19.18
CA THR B 125 -24.98 -21.26 -18.79
C THR B 125 -24.32 -22.65 -18.86
N GLN B 126 -23.63 -22.94 -19.94
CA GLN B 126 -22.92 -24.20 -20.16
C GLN B 126 -21.90 -24.42 -19.02
N SER B 127 -21.03 -23.45 -18.75
CA SER B 127 -19.93 -23.63 -17.78
C SER B 127 -20.54 -23.71 -16.35
N LEU B 128 -21.53 -22.87 -16.07
CA LEU B 128 -22.19 -22.90 -14.75
C LEU B 128 -22.91 -24.25 -14.53
N ASN B 129 -23.59 -24.80 -15.51
CA ASN B 129 -24.27 -26.11 -15.38
C ASN B 129 -23.25 -27.22 -15.07
N HIS B 130 -22.07 -27.20 -15.71
CA HIS B 130 -21.03 -28.22 -15.38
C HIS B 130 -20.46 -27.97 -13.99
N LEU B 131 -20.35 -26.72 -13.56
CA LEU B 131 -19.84 -26.38 -12.20
C LEU B 131 -20.81 -27.00 -11.17
N PHE B 132 -22.10 -26.75 -11.35
CA PHE B 132 -23.15 -27.30 -10.42
C PHE B 132 -23.13 -28.82 -10.43
N THR B 133 -23.16 -29.48 -11.61
CA THR B 133 -23.15 -30.95 -11.72
C THR B 133 -22.04 -31.55 -10.84
N ALA B 134 -20.85 -30.94 -10.87
CA ALA B 134 -19.68 -31.45 -10.14
C ALA B 134 -19.78 -31.07 -8.68
N MET B 135 -20.14 -29.83 -8.38
CA MET B 135 -19.88 -29.30 -7.01
C MET B 135 -21.10 -29.60 -6.12
N ASP B 136 -22.26 -29.98 -6.68
CA ASP B 136 -23.52 -30.11 -5.91
C ASP B 136 -23.31 -31.12 -4.78
N SER B 137 -22.52 -32.17 -5.01
CA SER B 137 -22.33 -33.28 -4.02
C SER B 137 -21.23 -32.94 -3.01
N THR B 138 -20.51 -31.82 -3.13
CA THR B 138 -19.47 -31.38 -2.15
C THR B 138 -20.15 -30.51 -1.08
N ASP B 139 -19.53 -30.44 0.12
CA ASP B 139 -20.06 -29.63 1.23
C ASP B 139 -19.26 -28.36 1.45
N ALA B 140 -18.30 -28.01 0.57
CA ALA B 140 -17.59 -26.72 0.70
C ALA B 140 -18.51 -25.56 0.33
N ASP B 141 -18.30 -24.39 0.96
CA ASP B 141 -18.98 -23.15 0.51
C ASP B 141 -18.28 -22.76 -0.81
N VAL B 142 -19.05 -22.63 -1.88
CA VAL B 142 -18.51 -22.27 -3.23
C VAL B 142 -18.85 -20.81 -3.50
N VAL B 143 -17.80 -20.05 -3.78
CA VAL B 143 -17.93 -18.63 -4.19
C VAL B 143 -17.43 -18.58 -5.63
N ILE B 144 -18.36 -18.31 -6.54
CA ILE B 144 -18.11 -18.14 -8.00
C ILE B 144 -17.70 -16.69 -8.25
N TYR B 145 -16.61 -16.46 -8.97
CA TYR B 145 -16.14 -15.10 -9.34
C TYR B 145 -16.51 -14.82 -10.81
N CYS B 146 -16.82 -13.55 -11.10
CA CYS B 146 -17.01 -12.99 -12.47
C CYS B 146 -16.50 -11.54 -12.45
N ARG B 147 -16.49 -10.86 -13.60
CA ARG B 147 -15.97 -9.47 -13.67
C ARG B 147 -17.06 -8.50 -14.14
N ASP B 148 -17.83 -8.85 -15.17
N ASP B 148 -17.89 -8.92 -15.10
CA ASP B 148 -18.94 -8.00 -15.68
CA ASP B 148 -18.97 -8.10 -15.68
C ASP B 148 -20.14 -8.13 -14.74
C ASP B 148 -20.20 -8.19 -14.78
N LYS B 149 -20.87 -7.04 -14.55
CA LYS B 149 -22.08 -6.96 -13.70
C LYS B 149 -23.22 -7.77 -14.34
N GLU B 150 -23.29 -7.86 -15.67
CA GLU B 150 -24.34 -8.69 -16.34
C GLU B 150 -24.12 -10.15 -15.97
N TRP B 151 -22.86 -10.62 -16.01
CA TRP B 151 -22.49 -12.02 -15.64
C TRP B 151 -22.96 -12.29 -14.20
N GLU B 152 -22.59 -11.41 -13.26
CA GLU B 152 -23.03 -11.45 -11.84
C GLU B 152 -24.55 -11.69 -11.78
N LYS B 153 -25.34 -10.87 -12.49
CA LYS B 153 -26.83 -10.92 -12.44
C LYS B 153 -27.31 -12.31 -12.85
N LYS B 154 -26.86 -12.83 -13.99
CA LYS B 154 -27.32 -14.15 -14.51
C LYS B 154 -26.87 -15.30 -13.59
N ILE B 155 -25.67 -15.22 -13.03
CA ILE B 155 -25.11 -16.27 -12.10
C ILE B 155 -25.93 -16.23 -10.80
N SER B 156 -26.07 -15.03 -10.22
CA SER B 156 -26.85 -14.80 -8.98
C SER B 156 -28.28 -15.32 -9.18
N GLU B 157 -28.88 -15.05 -10.33
CA GLU B 157 -30.26 -15.49 -10.70
C GLU B 157 -30.32 -17.01 -10.78
N ALA B 158 -29.30 -17.64 -11.36
CA ALA B 158 -29.21 -19.12 -11.53
C ALA B 158 -29.15 -19.77 -10.14
N ILE B 159 -28.42 -19.18 -9.20
CA ILE B 159 -28.24 -19.71 -7.81
C ILE B 159 -29.59 -19.67 -7.08
N GLN B 160 -30.29 -18.52 -7.14
CA GLN B 160 -31.54 -18.27 -6.36
C GLN B 160 -32.68 -19.14 -6.87
N MET B 161 -32.75 -19.38 -8.18
CA MET B 161 -33.81 -20.20 -8.83
C MET B 161 -33.86 -21.61 -8.24
N ARG B 162 -32.75 -22.11 -7.69
CA ARG B 162 -32.61 -23.52 -7.24
C ARG B 162 -32.98 -23.65 -5.74
N THR B 163 -32.94 -22.54 -5.00
CA THR B 163 -33.05 -22.52 -3.51
C THR B 163 -34.48 -22.14 -3.11
N GLY C 1 -13.48 23.11 8.88
CA GLY C 1 -12.41 22.38 9.67
C GLY C 1 -12.50 22.66 11.16
N ALA C 2 -11.93 21.77 11.99
CA ALA C 2 -11.83 21.97 13.45
C ALA C 2 -10.87 23.15 13.69
N MET C 3 -11.16 24.01 14.66
CA MET C 3 -10.34 25.22 14.95
C MET C 3 -8.91 24.83 15.36
N ALA C 4 -8.71 23.68 16.00
CA ALA C 4 -7.36 23.18 16.37
C ALA C 4 -7.38 21.67 16.15
N PRO C 5 -7.23 21.21 14.90
CA PRO C 5 -7.33 19.78 14.56
C PRO C 5 -6.51 18.91 15.53
N SER C 6 -7.13 17.87 16.09
CA SER C 6 -6.55 16.98 17.12
C SER C 6 -6.75 15.50 16.79
N TYR C 7 -6.00 14.65 17.50
CA TYR C 7 -6.20 13.19 17.55
C TYR C 7 -6.60 12.84 18.99
N ARG C 8 -7.56 11.95 19.16
CA ARG C 8 -7.96 11.40 20.47
C ARG C 8 -8.19 9.92 20.30
N VAL C 9 -8.13 9.15 21.38
CA VAL C 9 -8.52 7.73 21.35
C VAL C 9 -9.60 7.50 22.38
N LYS C 10 -10.57 6.65 22.04
CA LYS C 10 -11.65 6.23 22.95
C LYS C 10 -11.78 4.71 22.94
N ARG C 11 -11.92 4.13 24.14
CA ARG C 11 -12.20 2.67 24.32
C ARG C 11 -13.71 2.47 24.49
N MET C 12 -14.42 2.26 23.38
CA MET C 12 -15.89 2.42 23.28
C MET C 12 -16.39 1.86 21.95
N ASP C 13 -17.66 1.48 21.89
CA ASP C 13 -18.32 0.99 20.67
C ASP C 13 -18.35 2.15 19.67
N ILE C 14 -17.79 1.93 18.49
CA ILE C 14 -17.69 3.00 17.47
C ILE C 14 -19.11 3.28 16.97
N ALA C 15 -20.03 2.30 17.13
CA ALA C 15 -21.42 2.52 16.68
C ALA C 15 -22.15 3.58 17.53
N LYS C 16 -21.53 4.00 18.64
N LYS C 16 -21.57 4.01 18.65
CA LYS C 16 -22.05 5.01 19.59
CA LYS C 16 -22.16 5.08 19.50
C LYS C 16 -21.19 6.27 19.55
C LYS C 16 -21.20 6.28 19.55
N ASN C 17 -20.42 6.50 18.49
CA ASN C 17 -19.51 7.66 18.42
C ASN C 17 -20.27 9.01 18.50
N ASP C 18 -19.53 10.06 18.78
CA ASP C 18 -19.95 11.47 18.94
C ASP C 18 -19.34 12.37 17.84
N GLU C 19 -19.02 11.77 16.70
CA GLU C 19 -18.42 12.50 15.57
C GLU C 19 -19.40 12.65 14.40
N GLU C 20 -19.00 13.46 13.40
CA GLU C 20 -19.92 13.86 12.27
C GLU C 20 -19.98 12.77 11.18
N CYS C 21 -19.09 11.79 11.23
CA CYS C 21 -19.13 10.62 10.31
C CYS C 21 -18.32 9.46 10.92
N VAL C 22 -18.49 8.30 10.33
CA VAL C 22 -17.84 7.07 10.83
C VAL C 22 -17.12 6.36 9.69
N VAL C 23 -15.95 5.78 10.01
CA VAL C 23 -15.27 4.84 9.09
C VAL C 23 -15.65 3.43 9.47
N ASN C 24 -16.23 2.69 8.52
CA ASN C 24 -16.48 1.24 8.70
C ASN C 24 -15.22 0.45 8.29
N ALA C 25 -14.81 -0.53 9.07
CA ALA C 25 -13.78 -1.52 8.63
C ALA C 25 -14.55 -2.55 7.79
N ALA C 26 -14.70 -2.25 6.51
CA ALA C 26 -15.60 -2.92 5.56
C ALA C 26 -14.92 -4.13 4.91
N ASN C 27 -15.72 -4.98 4.28
CA ASN C 27 -15.28 -6.10 3.40
C ASN C 27 -15.63 -5.69 1.98
N PRO C 28 -14.95 -6.23 0.94
CA PRO C 28 -15.13 -5.75 -0.42
C PRO C 28 -16.54 -5.97 -0.99
N ARG C 29 -17.29 -6.94 -0.46
CA ARG C 29 -18.62 -7.33 -1.00
C ARG C 29 -19.72 -6.42 -0.41
N GLY C 30 -19.47 -5.76 0.71
CA GLY C 30 -20.46 -4.86 1.36
C GLY C 30 -21.43 -5.65 2.23
N LEU C 31 -20.95 -6.73 2.84
CA LEU C 31 -21.73 -7.66 3.71
C LEU C 31 -21.61 -7.23 5.18
N PRO C 32 -22.61 -7.56 6.03
CA PRO C 32 -22.58 -7.22 7.45
C PRO C 32 -21.25 -7.56 8.16
N GLY C 33 -20.62 -8.69 7.79
CA GLY C 33 -19.31 -9.09 8.33
C GLY C 33 -19.30 -9.35 9.84
N ASP C 34 -18.14 -9.11 10.45
CA ASP C 34 -17.82 -9.40 11.87
C ASP C 34 -17.18 -8.16 12.46
N GLY C 35 -17.07 -8.12 13.78
CA GLY C 35 -16.41 -7.05 14.53
C GLY C 35 -17.06 -5.71 14.24
N VAL C 36 -16.25 -4.65 14.06
CA VAL C 36 -16.68 -3.25 13.80
C VAL C 36 -17.76 -3.26 12.71
N CYS C 37 -17.52 -4.02 11.64
CA CYS C 37 -18.42 -4.04 10.45
C CYS C 37 -19.85 -4.48 10.84
N LYS C 38 -19.99 -5.48 11.72
CA LYS C 38 -21.32 -5.95 12.24
C LYS C 38 -21.98 -4.88 13.12
N ALA C 39 -21.23 -4.24 14.03
CA ALA C 39 -21.73 -3.14 14.88
C ALA C 39 -22.25 -1.98 14.00
N VAL C 40 -21.52 -1.67 12.91
CA VAL C 40 -21.87 -0.58 11.94
C VAL C 40 -23.15 -1.01 11.19
N TYR C 41 -23.25 -2.28 10.82
CA TYR C 41 -24.37 -2.81 10.02
C TYR C 41 -25.63 -2.71 10.87
N LYS C 42 -25.50 -2.96 12.16
CA LYS C 42 -26.67 -2.94 13.09
C LYS C 42 -27.11 -1.50 13.30
N LYS C 43 -26.15 -0.55 13.36
CA LYS C 43 -26.49 0.87 13.66
C LYS C 43 -26.97 1.57 12.38
N TRP C 44 -26.32 1.33 11.24
CA TRP C 44 -26.54 2.07 9.98
C TRP C 44 -26.74 1.11 8.83
N PRO C 45 -27.75 0.20 8.90
CA PRO C 45 -27.92 -0.78 7.84
C PRO C 45 -28.17 -0.17 6.45
N GLU C 46 -28.87 0.96 6.39
CA GLU C 46 -29.19 1.64 5.12
C GLU C 46 -27.90 2.06 4.37
N SER C 47 -26.80 2.26 5.09
CA SER C 47 -25.49 2.63 4.50
C SER C 47 -24.84 1.45 3.74
N PHE C 48 -25.41 0.24 3.81
CA PHE C 48 -24.83 -0.93 3.07
C PHE C 48 -25.43 -1.11 1.66
N LYS C 49 -26.32 -0.21 1.25
CA LYS C 49 -26.85 -0.11 -0.15
C LYS C 49 -25.71 0.23 -1.11
N ASN C 50 -25.31 -0.74 -1.95
CA ASN C 50 -24.27 -0.56 -3.01
C ASN C 50 -22.97 -0.05 -2.38
N SER C 51 -22.60 -0.58 -1.21
CA SER C 51 -21.37 -0.20 -0.45
C SER C 51 -20.15 -0.97 -0.96
N ALA C 52 -20.34 -2.09 -1.67
CA ALA C 52 -19.23 -2.90 -2.22
C ALA C 52 -18.18 -1.96 -2.81
N THR C 53 -16.90 -2.17 -2.46
CA THR C 53 -15.77 -1.39 -2.97
C THR C 53 -14.51 -2.27 -2.83
N PRO C 54 -13.53 -2.17 -3.75
CA PRO C 54 -12.35 -3.03 -3.68
C PRO C 54 -11.42 -2.79 -2.49
N VAL C 55 -10.64 -3.82 -2.16
CA VAL C 55 -9.48 -3.72 -1.24
C VAL C 55 -8.65 -2.49 -1.62
N GLY C 56 -8.23 -1.72 -0.61
CA GLY C 56 -7.41 -0.50 -0.84
C GLY C 56 -8.21 0.75 -1.17
N THR C 57 -9.54 0.69 -1.09
CA THR C 57 -10.44 1.83 -1.45
C THR C 57 -11.39 2.15 -0.30
N ALA C 58 -12.08 3.28 -0.46
CA ALA C 58 -13.13 3.69 0.50
C ALA C 58 -14.30 4.23 -0.34
N LYS C 59 -15.52 3.90 0.09
CA LYS C 59 -16.77 4.36 -0.56
C LYS C 59 -17.73 4.86 0.52
N THR C 60 -18.21 6.10 0.38
CA THR C 60 -19.17 6.70 1.35
C THR C 60 -20.60 6.41 0.91
N VAL C 61 -21.38 5.89 1.83
CA VAL C 61 -22.86 5.79 1.67
C VAL C 61 -23.52 6.45 2.87
N MET C 62 -24.50 7.32 2.62
N MET C 62 -24.51 7.31 2.63
CA MET C 62 -25.28 7.99 3.69
CA MET C 62 -25.22 8.02 3.74
C MET C 62 -26.30 7.02 4.29
C MET C 62 -26.31 7.10 4.28
N CYS C 63 -26.45 7.08 5.61
CA CYS C 63 -27.58 6.53 6.35
C CYS C 63 -28.40 7.74 6.80
N GLY C 64 -29.49 8.06 6.11
CA GLY C 64 -30.14 9.39 6.23
C GLY C 64 -29.20 10.46 5.71
N THR C 65 -28.67 11.36 6.56
CA THR C 65 -27.60 12.31 6.18
C THR C 65 -26.25 11.98 6.87
N TYR C 66 -26.19 10.92 7.66
CA TYR C 66 -24.98 10.57 8.43
C TYR C 66 -24.05 9.74 7.55
N PRO C 67 -22.82 10.22 7.22
CA PRO C 67 -21.98 9.51 6.28
C PRO C 67 -21.28 8.32 6.96
N VAL C 68 -21.34 7.17 6.28
CA VAL C 68 -20.57 5.96 6.63
C VAL C 68 -19.53 5.73 5.53
N ILE C 69 -18.25 5.76 5.90
CA ILE C 69 -17.13 5.67 4.94
C ILE C 69 -16.66 4.21 5.01
N HIS C 70 -17.04 3.39 4.01
CA HIS C 70 -16.68 1.97 3.98
C HIS C 70 -15.26 1.85 3.46
N ALA C 71 -14.31 1.54 4.34
CA ALA C 71 -12.86 1.47 4.01
C ALA C 71 -12.43 0.01 4.08
N VAL C 72 -11.89 -0.48 2.98
CA VAL C 72 -11.56 -1.91 2.87
C VAL C 72 -10.05 -2.06 2.99
N GLY C 73 -9.57 -2.43 4.17
CA GLY C 73 -8.15 -2.81 4.35
C GLY C 73 -7.93 -4.20 3.78
N PRO C 74 -6.66 -4.58 3.53
CA PRO C 74 -6.36 -5.96 3.13
C PRO C 74 -6.55 -6.96 4.27
N ASN C 75 -6.91 -8.20 3.89
CA ASN C 75 -6.86 -9.35 4.80
C ASN C 75 -5.46 -9.99 4.74
N PHE C 76 -4.70 -9.85 5.82
CA PHE C 76 -3.29 -10.31 5.82
C PHE C 76 -3.18 -11.84 5.89
N SER C 77 -4.30 -12.56 6.04
CA SER C 77 -4.31 -14.03 5.93
C SER C 77 -3.96 -14.46 4.49
N ASN C 78 -4.34 -13.66 3.49
CA ASN C 78 -4.19 -13.99 2.04
C ASN C 78 -3.21 -13.00 1.37
N TYR C 79 -2.90 -11.86 1.98
CA TYR C 79 -1.96 -10.87 1.36
C TYR C 79 -0.57 -11.08 1.98
N THR C 80 0.48 -10.91 1.17
CA THR C 80 1.87 -10.90 1.68
C THR C 80 2.06 -9.63 2.52
N GLU C 81 3.08 -9.62 3.39
CA GLU C 81 3.46 -8.39 4.12
C GLU C 81 3.66 -7.22 3.17
N SER C 82 4.38 -7.45 2.08
CA SER C 82 4.72 -6.39 1.10
C SER C 82 3.44 -5.81 0.46
N GLU C 83 2.61 -6.67 -0.14
CA GLU C 83 1.44 -6.21 -0.92
C GLU C 83 0.39 -5.65 0.06
N GLY C 84 0.23 -6.27 1.22
CA GLY C 84 -0.74 -5.81 2.23
C GLY C 84 -0.38 -4.44 2.78
N ASP C 85 0.92 -4.18 2.97
CA ASP C 85 1.37 -2.87 3.49
C ASP C 85 0.91 -1.76 2.54
N ARG C 86 1.06 -1.97 1.23
CA ARG C 86 0.67 -0.96 0.24
C ARG C 86 -0.85 -0.74 0.29
N GLU C 87 -1.62 -1.82 0.29
CA GLU C 87 -3.11 -1.72 0.25
C GLU C 87 -3.60 -1.03 1.52
N LEU C 88 -2.95 -1.26 2.67
CA LEU C 88 -3.41 -0.69 3.97
C LEU C 88 -3.17 0.81 3.91
N ALA C 89 -1.99 1.21 3.42
CA ALA C 89 -1.67 2.63 3.21
C ALA C 89 -2.71 3.27 2.30
N ALA C 90 -3.08 2.60 1.19
CA ALA C 90 -4.00 3.16 0.18
C ALA C 90 -5.41 3.31 0.75
N ALA C 91 -5.88 2.34 1.54
CA ALA C 91 -7.24 2.42 2.16
C ALA C 91 -7.28 3.70 3.00
N TYR C 92 -6.24 3.96 3.79
CA TYR C 92 -6.27 5.18 4.63
C TYR C 92 -6.23 6.47 3.80
N ARG C 93 -5.45 6.47 2.72
N ARG C 93 -5.48 6.48 2.71
CA ARG C 93 -5.38 7.66 1.83
CA ARG C 93 -5.40 7.68 1.84
C ARG C 93 -6.79 7.94 1.29
C ARG C 93 -6.77 7.95 1.23
N GLU C 94 -7.52 6.90 0.91
CA GLU C 94 -8.91 7.07 0.40
C GLU C 94 -9.83 7.54 1.53
N VAL C 95 -9.61 7.16 2.77
CA VAL C 95 -10.41 7.71 3.91
C VAL C 95 -10.16 9.20 4.00
N ALA C 96 -8.90 9.65 3.93
CA ALA C 96 -8.57 11.08 4.04
C ALA C 96 -9.28 11.85 2.92
N LYS C 97 -9.31 11.30 1.70
CA LYS C 97 -10.03 11.92 0.57
C LYS C 97 -11.53 12.07 0.88
N GLU C 98 -12.15 11.01 1.36
CA GLU C 98 -13.61 10.97 1.64
C GLU C 98 -13.94 11.95 2.76
N VAL C 99 -13.12 11.99 3.83
CA VAL C 99 -13.37 12.96 4.93
C VAL C 99 -13.30 14.39 4.39
N THR C 100 -12.29 14.70 3.55
CA THR C 100 -12.08 16.05 2.97
C THR C 100 -13.30 16.42 2.09
N ARG C 101 -13.68 15.51 1.22
CA ARG C 101 -14.82 15.70 0.27
C ARG C 101 -16.08 16.04 1.07
N LEU C 102 -16.33 15.36 2.17
CA LEU C 102 -17.57 15.53 2.94
C LEU C 102 -17.59 16.88 3.67
N GLY C 103 -16.45 17.50 3.96
CA GLY C 103 -16.42 18.80 4.65
C GLY C 103 -16.71 18.65 6.14
N VAL C 104 -16.69 17.44 6.70
CA VAL C 104 -16.91 17.18 8.17
C VAL C 104 -15.78 17.80 9.03
N ASN C 105 -16.12 18.17 10.28
CA ASN C 105 -15.16 18.71 11.27
C ASN C 105 -14.62 17.59 12.18
N SER C 106 -15.14 16.38 12.06
CA SER C 106 -14.75 15.23 12.88
C SER C 106 -15.13 13.90 12.25
N VAL C 107 -14.38 12.88 12.62
CA VAL C 107 -14.52 11.51 12.10
C VAL C 107 -14.12 10.49 13.16
N ALA C 108 -14.89 9.42 13.26
CA ALA C 108 -14.63 8.28 14.14
C ALA C 108 -14.01 7.19 13.27
N ILE C 109 -12.84 6.69 13.66
N ILE C 109 -12.89 6.62 13.68
CA ILE C 109 -12.04 5.73 12.84
CA ILE C 109 -12.09 5.71 12.81
C ILE C 109 -11.63 4.55 13.72
C ILE C 109 -11.53 4.57 13.64
N PRO C 110 -11.72 3.29 13.21
CA PRO C 110 -11.07 2.15 13.84
C PRO C 110 -9.71 1.89 13.18
N LEU C 111 -8.86 1.07 13.79
CA LEU C 111 -7.58 0.69 13.11
C LEU C 111 -7.84 -0.43 12.11
N LEU C 112 -7.70 -0.11 10.84
CA LEU C 112 -7.97 -1.04 9.74
C LEU C 112 -6.98 -2.21 9.82
N SER C 113 -7.47 -3.40 9.50
CA SER C 113 -6.69 -4.63 9.32
C SER C 113 -6.07 -5.05 10.64
N THR C 114 -6.67 -4.72 11.79
CA THR C 114 -6.12 -5.13 13.12
C THR C 114 -6.97 -6.22 13.80
N GLY C 115 -8.14 -6.57 13.26
CA GLY C 115 -9.01 -7.63 13.82
C GLY C 115 -8.87 -8.91 13.01
N VAL C 116 -9.97 -9.40 12.46
CA VAL C 116 -10.04 -10.66 11.65
C VAL C 116 -9.05 -10.57 10.48
N TYR C 117 -8.79 -9.37 9.93
CA TYR C 117 -7.94 -9.15 8.73
C TYR C 117 -6.45 -9.03 9.10
N SER C 118 -6.10 -9.23 10.37
CA SER C 118 -4.70 -9.07 10.88
C SER C 118 -3.82 -10.28 10.55
N GLY C 119 -4.40 -11.38 10.05
CA GLY C 119 -3.64 -12.63 9.80
C GLY C 119 -2.97 -13.18 11.05
N GLY C 120 -3.53 -12.88 12.23
CA GLY C 120 -3.03 -13.30 13.56
C GLY C 120 -1.88 -12.52 14.15
N LYS C 121 -1.48 -11.38 13.56
CA LYS C 121 -0.33 -10.55 13.97
C LYS C 121 -0.84 -9.28 14.67
N ASP C 122 -0.05 -8.77 15.62
CA ASP C 122 -0.18 -7.42 16.21
C ASP C 122 0.14 -6.38 15.12
N ARG C 123 -0.86 -5.62 14.67
CA ARG C 123 -0.63 -4.54 13.65
C ARG C 123 -1.04 -3.17 14.21
N LEU C 124 -0.98 -2.95 15.53
CA LEU C 124 -1.32 -1.62 16.09
C LEU C 124 -0.44 -0.53 15.48
N THR C 125 0.89 -0.65 15.60
CA THR C 125 1.83 0.38 15.16
C THR C 125 1.72 0.53 13.66
N GLN C 126 1.67 -0.57 12.91
CA GLN C 126 1.62 -0.48 11.42
C GLN C 126 0.35 0.29 11.00
N SER C 127 -0.78 -0.13 11.53
CA SER C 127 -2.09 0.47 11.12
C SER C 127 -2.11 1.95 11.54
N LEU C 128 -1.72 2.27 12.78
CA LEU C 128 -1.76 3.65 13.30
C LEU C 128 -0.80 4.53 12.52
N ASN C 129 0.39 4.02 12.18
CA ASN C 129 1.34 4.79 11.33
C ASN C 129 0.70 5.15 10.00
N HIS C 130 0.02 4.22 9.30
CA HIS C 130 -0.65 4.54 8.03
C HIS C 130 -1.79 5.55 8.25
N LEU C 131 -2.50 5.43 9.35
CA LEU C 131 -3.61 6.36 9.69
C LEU C 131 -3.04 7.76 9.79
N PHE C 132 -1.95 7.95 10.55
CA PHE C 132 -1.34 9.29 10.71
C PHE C 132 -0.84 9.80 9.36
N THR C 133 -0.18 8.95 8.55
CA THR C 133 0.40 9.37 7.25
C THR C 133 -0.70 9.98 6.38
N ALA C 134 -1.90 9.38 6.41
CA ALA C 134 -3.03 9.85 5.59
C ALA C 134 -3.74 11.02 6.24
N MET C 135 -3.94 11.00 7.56
CA MET C 135 -4.86 11.98 8.20
C MET C 135 -4.14 13.23 8.71
N ASP C 136 -2.82 13.22 8.80
CA ASP C 136 -2.10 14.43 9.30
C ASP C 136 -2.40 15.66 8.46
N SER C 137 -2.61 15.53 7.13
CA SER C 137 -2.86 16.71 6.26
C SER C 137 -4.34 17.14 6.25
N THR C 138 -5.22 16.46 6.97
CA THR C 138 -6.65 16.83 7.13
C THR C 138 -6.84 17.72 8.34
N ASP C 139 -7.90 18.52 8.36
CA ASP C 139 -8.18 19.46 9.49
C ASP C 139 -9.35 18.96 10.33
N ALA C 140 -9.78 17.70 10.17
CA ALA C 140 -10.89 17.13 10.97
C ALA C 140 -10.37 16.70 12.32
N ASP C 141 -11.16 16.83 13.38
CA ASP C 141 -10.84 16.11 14.63
C ASP C 141 -10.96 14.61 14.36
N VAL C 142 -9.92 13.84 14.63
CA VAL C 142 -9.91 12.37 14.45
C VAL C 142 -10.03 11.69 15.81
N VAL C 143 -11.04 10.84 15.96
CA VAL C 143 -11.25 10.08 17.21
C VAL C 143 -11.10 8.61 16.87
N ILE C 144 -10.08 7.97 17.43
CA ILE C 144 -9.74 6.55 17.15
C ILE C 144 -10.47 5.69 18.16
N TYR C 145 -11.18 4.66 17.73
CA TYR C 145 -11.98 3.78 18.62
C TYR C 145 -11.28 2.44 18.76
N CYS C 146 -11.24 1.91 19.97
CA CYS C 146 -10.69 0.56 20.20
C CYS C 146 -11.54 -0.15 21.27
N ARG C 147 -11.21 -1.40 21.57
CA ARG C 147 -11.97 -2.24 22.54
C ARG C 147 -11.10 -2.53 23.77
N ASP C 148 -9.81 -2.78 23.58
CA ASP C 148 -8.96 -3.44 24.60
C ASP C 148 -8.07 -2.40 25.29
N LYS C 149 -7.98 -2.46 26.63
CA LYS C 149 -7.22 -1.48 27.45
C LYS C 149 -5.76 -1.39 27.01
N GLU C 150 -5.09 -2.49 26.64
CA GLU C 150 -3.67 -2.39 26.25
C GLU C 150 -3.55 -1.62 24.90
N TRP C 151 -4.52 -1.79 24.00
CA TRP C 151 -4.60 -1.04 22.71
C TRP C 151 -4.80 0.45 23.03
N GLU C 152 -5.71 0.78 23.94
CA GLU C 152 -5.97 2.21 24.26
C GLU C 152 -4.70 2.88 24.78
N LYS C 153 -4.00 2.22 25.69
CA LYS C 153 -2.73 2.70 26.31
C LYS C 153 -1.72 3.05 25.21
N LYS C 154 -1.45 2.08 24.32
CA LYS C 154 -0.40 2.20 23.26
C LYS C 154 -0.80 3.25 22.22
N ILE C 155 -2.08 3.32 21.85
CA ILE C 155 -2.52 4.38 20.90
C ILE C 155 -2.38 5.75 21.56
N SER C 156 -2.79 5.87 22.84
CA SER C 156 -2.70 7.16 23.57
C SER C 156 -1.24 7.60 23.65
N GLU C 157 -0.31 6.68 23.95
CA GLU C 157 1.13 7.04 24.05
C GLU C 157 1.62 7.58 22.72
N ALA C 158 1.27 6.92 21.63
CA ALA C 158 1.69 7.29 20.25
C ALA C 158 1.19 8.69 19.90
N ILE C 159 -0.05 9.03 20.26
CA ILE C 159 -0.63 10.38 19.98
C ILE C 159 0.17 11.40 20.81
N GLN C 160 0.42 11.07 22.08
CA GLN C 160 1.12 11.98 23.03
C GLN C 160 2.57 12.20 22.60
N MET C 161 3.23 11.19 22.02
CA MET C 161 4.66 11.34 21.61
C MET C 161 4.89 12.54 20.69
N ARG C 162 3.87 12.94 19.90
CA ARG C 162 3.98 13.93 18.78
C ARG C 162 3.51 15.31 19.24
N THR C 163 3.10 15.47 20.50
CA THR C 163 2.74 16.78 21.12
C THR C 163 3.95 17.30 21.90
N PRO D 5 3.16 46.80 -3.24
CA PRO D 5 4.26 45.94 -2.80
C PRO D 5 5.25 45.59 -3.91
N SER D 6 6.55 45.60 -3.57
N SER D 6 6.55 45.50 -3.56
CA SER D 6 7.66 45.04 -4.40
CA SER D 6 7.65 45.06 -4.47
C SER D 6 7.61 43.51 -4.31
C SER D 6 7.94 43.57 -4.25
N TYR D 7 8.10 42.81 -5.35
CA TYR D 7 8.31 41.35 -5.30
C TYR D 7 9.73 41.04 -5.74
N ARG D 8 10.37 40.12 -5.02
CA ARG D 8 11.71 39.55 -5.32
C ARG D 8 11.64 38.04 -5.12
N VAL D 9 12.54 37.29 -5.75
CA VAL D 9 12.68 35.83 -5.52
C VAL D 9 14.13 35.55 -5.10
N LYS D 10 14.30 34.68 -4.12
CA LYS D 10 15.61 34.22 -3.64
C LYS D 10 15.60 32.70 -3.69
N ARG D 11 16.60 32.10 -4.32
CA ARG D 11 16.87 30.64 -4.23
C ARG D 11 17.74 30.41 -2.98
N MET D 12 17.10 30.16 -1.84
CA MET D 12 17.78 29.88 -0.55
C MET D 12 16.77 29.36 0.48
N ASP D 13 17.28 28.73 1.55
CA ASP D 13 16.50 28.21 2.71
C ASP D 13 15.76 29.40 3.36
N ILE D 14 14.42 29.33 3.38
CA ILE D 14 13.56 30.39 3.96
C ILE D 14 13.86 30.51 5.46
N ALA D 15 14.40 29.46 6.09
CA ALA D 15 14.84 29.49 7.51
C ALA D 15 16.03 30.45 7.68
N LYS D 16 16.67 30.93 6.59
CA LYS D 16 17.74 31.97 6.68
C LYS D 16 17.33 33.27 6.00
N ASN D 17 16.04 33.57 5.95
CA ASN D 17 15.54 34.79 5.29
C ASN D 17 16.04 36.10 5.96
N ASP D 18 16.02 37.19 5.21
CA ASP D 18 16.43 38.55 5.63
C ASP D 18 15.21 39.45 5.77
N GLU D 19 14.02 38.91 6.06
CA GLU D 19 12.81 39.74 6.16
C GLU D 19 12.27 39.79 7.60
N GLU D 20 11.34 40.69 7.88
CA GLU D 20 10.81 40.95 9.26
C GLU D 20 9.89 39.84 9.77
N CYS D 21 9.43 38.94 8.90
CA CYS D 21 8.58 37.83 9.33
C CYS D 21 8.62 36.76 8.25
N VAL D 22 8.16 35.57 8.59
CA VAL D 22 8.19 34.39 7.71
C VAL D 22 6.80 33.77 7.63
N VAL D 23 6.44 33.28 6.46
CA VAL D 23 5.24 32.42 6.25
C VAL D 23 5.70 30.95 6.23
N ASN D 24 5.16 30.16 7.14
CA ASN D 24 5.36 28.70 7.18
C ASN D 24 4.35 28.03 6.24
N ALA D 25 4.81 27.08 5.42
CA ALA D 25 3.90 26.19 4.65
C ALA D 25 3.49 25.06 5.62
N ALA D 26 2.52 25.35 6.47
CA ALA D 26 2.21 24.56 7.67
C ALA D 26 1.27 23.39 7.33
N ASN D 27 1.18 22.42 8.25
CA ASN D 27 0.10 21.40 8.25
C ASN D 27 -0.96 21.83 9.26
N PRO D 28 -2.18 21.31 9.16
CA PRO D 28 -3.25 21.83 10.01
C PRO D 28 -3.06 21.51 11.50
N ARG D 29 -2.20 20.55 11.82
CA ARG D 29 -2.09 20.00 13.21
C ARG D 29 -0.94 20.64 14.00
N GLY D 30 -0.18 21.53 13.39
CA GLY D 30 1.00 22.13 14.04
C GLY D 30 2.07 21.11 14.29
N LEU D 31 2.20 20.07 13.46
CA LEU D 31 3.30 19.08 13.54
C LEU D 31 4.56 19.62 12.87
N PRO D 32 5.75 19.09 13.24
CA PRO D 32 7.01 19.49 12.62
C PRO D 32 7.03 19.33 11.09
N GLY D 33 6.44 18.23 10.60
CA GLY D 33 6.12 18.12 9.16
C GLY D 33 7.33 17.81 8.28
N ASP D 34 7.26 18.23 7.02
CA ASP D 34 8.24 17.97 5.95
C ASP D 34 8.58 19.29 5.25
N GLY D 35 9.66 19.30 4.50
CA GLY D 35 10.01 20.42 3.59
C GLY D 35 10.22 21.70 4.36
N VAL D 36 9.61 22.78 3.88
CA VAL D 36 9.66 24.14 4.49
C VAL D 36 9.26 24.03 5.98
N CYS D 37 8.19 23.28 6.26
CA CYS D 37 7.63 23.19 7.62
C CYS D 37 8.70 22.65 8.59
N LYS D 38 9.48 21.66 8.14
CA LYS D 38 10.49 20.99 9.00
C LYS D 38 11.65 21.94 9.25
N ALA D 39 12.01 22.77 8.27
CA ALA D 39 13.06 23.81 8.41
C ALA D 39 12.59 24.93 9.35
N VAL D 40 11.32 25.29 9.28
CA VAL D 40 10.73 26.34 10.15
C VAL D 40 10.71 25.76 11.56
N TYR D 41 10.38 24.47 11.72
CA TYR D 41 10.34 23.81 13.06
C TYR D 41 11.74 23.86 13.71
N LYS D 42 12.79 23.61 12.91
CA LYS D 42 14.19 23.56 13.41
C LYS D 42 14.65 24.97 13.81
N LYS D 43 14.23 26.00 13.07
CA LYS D 43 14.69 27.40 13.27
C LYS D 43 13.87 28.09 14.36
N TRP D 44 12.56 27.88 14.40
CA TRP D 44 11.63 28.65 15.28
C TRP D 44 10.67 27.68 15.98
N PRO D 45 11.17 26.65 16.71
CA PRO D 45 10.29 25.64 17.31
C PRO D 45 9.27 26.27 18.29
N GLU D 46 9.63 27.36 19.00
CA GLU D 46 8.75 28.05 19.96
C GLU D 46 7.47 28.52 19.26
N SER D 47 7.51 28.76 17.93
CA SER D 47 6.35 29.30 17.18
C SER D 47 5.30 28.20 16.95
N PHE D 48 5.57 26.96 17.36
CA PHE D 48 4.61 25.83 17.14
C PHE D 48 3.67 25.63 18.34
N LYS D 49 3.75 26.51 19.33
CA LYS D 49 2.83 26.47 20.51
C LYS D 49 1.45 26.89 20.03
N ASN D 50 0.48 25.95 20.04
CA ASN D 50 -0.91 26.21 19.61
C ASN D 50 -0.92 26.83 18.20
N SER D 51 -0.13 26.28 17.28
CA SER D 51 -0.07 26.74 15.86
C SER D 51 -1.12 26.01 15.00
N ALA D 52 -1.71 24.92 15.50
CA ALA D 52 -2.74 24.15 14.74
C ALA D 52 -3.84 25.10 14.30
N THR D 53 -4.30 24.96 13.05
CA THR D 53 -5.31 25.86 12.44
C THR D 53 -5.86 25.15 11.21
N PRO D 54 -7.12 25.40 10.81
CA PRO D 54 -7.69 24.66 9.69
C PRO D 54 -7.09 25.02 8.32
N VAL D 55 -7.37 24.16 7.34
CA VAL D 55 -7.00 24.43 5.92
C VAL D 55 -7.62 25.76 5.49
N GLY D 56 -6.88 26.57 4.74
CA GLY D 56 -7.34 27.87 4.25
C GLY D 56 -7.19 29.02 5.22
N THR D 57 -6.52 28.82 6.35
CA THR D 57 -6.35 29.85 7.38
C THR D 57 -4.87 30.10 7.64
N ALA D 58 -4.63 31.22 8.30
CA ALA D 58 -3.27 31.55 8.77
C ALA D 58 -3.35 31.87 10.26
N LYS D 59 -2.32 31.47 10.99
CA LYS D 59 -2.26 31.72 12.45
C LYS D 59 -0.82 32.13 12.78
N THR D 60 -0.67 33.33 13.32
CA THR D 60 0.65 33.92 13.65
C THR D 60 1.01 33.59 15.10
N VAL D 61 2.17 32.98 15.29
CA VAL D 61 2.77 32.74 16.63
C VAL D 61 4.17 33.34 16.61
N MET D 62 4.47 34.12 17.64
CA MET D 62 5.80 34.76 17.81
C MET D 62 6.83 33.72 18.26
N CYS D 63 8.05 33.82 17.73
CA CYS D 63 9.23 33.14 18.30
C CYS D 63 10.13 34.27 18.82
N GLY D 64 10.11 34.49 20.13
CA GLY D 64 10.60 35.80 20.64
C GLY D 64 9.70 36.93 20.17
N THR D 65 10.21 37.85 19.32
CA THR D 65 9.42 38.94 18.71
C THR D 65 9.31 38.73 17.17
N TYR D 66 9.83 37.63 16.66
CA TYR D 66 9.87 37.33 15.21
C TYR D 66 8.58 36.57 14.84
N PRO D 67 7.68 37.16 14.03
CA PRO D 67 6.42 36.50 13.71
C PRO D 67 6.59 35.34 12.71
N VAL D 68 5.97 34.21 13.06
CA VAL D 68 5.86 33.05 12.14
C VAL D 68 4.36 32.94 11.78
N ILE D 69 4.03 33.15 10.50
CA ILE D 69 2.62 33.15 10.02
C ILE D 69 2.41 31.73 9.49
N HIS D 70 1.78 30.85 10.26
CA HIS D 70 1.55 29.45 9.85
C HIS D 70 0.37 29.45 8.86
N ALA D 71 0.62 29.26 7.56
CA ALA D 71 -0.45 29.27 6.53
C ALA D 71 -0.69 27.83 6.06
N VAL D 72 -1.93 27.36 6.10
CA VAL D 72 -2.26 25.95 5.80
C VAL D 72 -2.87 25.87 4.39
N GLY D 73 -2.04 25.58 3.42
CA GLY D 73 -2.53 25.31 2.04
C GLY D 73 -3.17 23.93 2.00
N PRO D 74 -4.07 23.68 1.03
CA PRO D 74 -4.67 22.38 0.88
C PRO D 74 -3.70 21.33 0.38
N ASN D 75 -3.92 20.10 0.80
CA ASN D 75 -3.25 18.89 0.24
C ASN D 75 -4.06 18.40 -0.97
N PHE D 76 -3.57 18.62 -2.18
CA PHE D 76 -4.33 18.26 -3.40
C PHE D 76 -4.35 16.73 -3.58
N SER D 77 -3.68 15.95 -2.76
CA SER D 77 -3.97 14.51 -2.64
C SER D 77 -5.38 14.28 -2.08
N ASN D 78 -5.91 15.21 -1.26
CA ASN D 78 -7.17 15.01 -0.52
C ASN D 78 -8.28 15.81 -1.18
N TYR D 79 -7.99 17.03 -1.67
CA TYR D 79 -8.98 17.99 -2.19
C TYR D 79 -9.15 17.76 -3.71
N THR D 80 -10.35 18.01 -4.21
CA THR D 80 -10.55 18.16 -5.68
C THR D 80 -9.81 19.39 -6.18
N GLU D 81 -9.50 19.41 -7.49
CA GLU D 81 -8.94 20.66 -8.04
C GLU D 81 -9.80 21.87 -7.69
N SER D 82 -11.13 21.77 -7.81
CA SER D 82 -12.05 22.90 -7.58
C SER D 82 -11.96 23.37 -6.10
N GLU D 83 -12.15 22.47 -5.17
CA GLU D 83 -12.26 22.89 -3.74
C GLU D 83 -10.84 23.31 -3.27
N GLY D 84 -9.81 22.63 -3.74
CA GLY D 84 -8.42 23.00 -3.40
C GLY D 84 -8.07 24.39 -3.89
N ASP D 85 -8.46 24.74 -5.12
CA ASP D 85 -8.16 26.08 -5.64
C ASP D 85 -8.71 27.14 -4.70
N ARG D 86 -9.94 26.97 -4.21
CA ARG D 86 -10.62 27.95 -3.34
C ARG D 86 -9.83 28.04 -2.01
N GLU D 87 -9.38 26.91 -1.47
CA GLU D 87 -8.70 26.89 -0.14
C GLU D 87 -7.30 27.50 -0.30
N LEU D 88 -6.66 27.32 -1.46
CA LEU D 88 -5.30 27.89 -1.69
C LEU D 88 -5.41 29.40 -1.75
N ALA D 89 -6.38 29.95 -2.49
CA ALA D 89 -6.71 31.39 -2.50
C ALA D 89 -6.96 31.89 -1.07
N ALA D 90 -7.72 31.14 -0.29
CA ALA D 90 -8.10 31.57 1.08
C ALA D 90 -6.86 31.67 2.00
N ALA D 91 -5.95 30.69 1.91
CA ALA D 91 -4.73 30.67 2.73
C ALA D 91 -3.91 31.94 2.47
N TYR D 92 -3.69 32.29 1.20
CA TYR D 92 -2.95 33.51 0.86
C TYR D 92 -3.68 34.80 1.28
N ARG D 93 -5.01 34.86 1.11
CA ARG D 93 -5.84 35.99 1.60
C ARG D 93 -5.58 36.19 3.10
N GLU D 94 -5.62 35.11 3.89
CA GLU D 94 -5.39 35.19 5.35
C GLU D 94 -3.93 35.61 5.70
N VAL D 95 -2.95 35.16 4.92
CA VAL D 95 -1.54 35.62 5.02
C VAL D 95 -1.49 37.14 4.84
N ALA D 96 -2.09 37.67 3.77
CA ALA D 96 -2.09 39.11 3.45
C ALA D 96 -2.68 39.91 4.63
N LYS D 97 -3.78 39.43 5.22
CA LYS D 97 -4.45 40.09 6.35
C LYS D 97 -3.48 40.13 7.55
N GLU D 98 -2.76 39.05 7.82
CA GLU D 98 -1.78 39.02 8.96
C GLU D 98 -0.62 39.96 8.68
N VAL D 99 -0.10 39.99 7.45
CA VAL D 99 1.06 40.87 7.10
C VAL D 99 0.64 42.33 7.38
N THR D 100 -0.55 42.74 6.91
CA THR D 100 -1.09 44.11 7.10
C THR D 100 -1.24 44.39 8.59
N ARG D 101 -1.89 43.48 9.33
CA ARG D 101 -2.17 43.64 10.77
C ARG D 101 -0.87 43.79 11.57
N LEU D 102 0.17 43.04 11.24
CA LEU D 102 1.46 43.10 11.95
C LEU D 102 2.24 44.38 11.62
N GLY D 103 1.92 45.04 10.51
CA GLY D 103 2.58 46.32 10.12
C GLY D 103 4.03 46.11 9.72
N VAL D 104 4.41 44.92 9.30
CA VAL D 104 5.80 44.63 8.88
C VAL D 104 6.12 45.36 7.57
N ASN D 105 7.42 45.60 7.36
CA ASN D 105 7.93 46.21 6.11
C ASN D 105 8.24 45.13 5.06
N SER D 106 8.46 43.88 5.49
CA SER D 106 8.89 42.78 4.60
C SER D 106 8.38 41.43 5.12
N VAL D 107 8.27 40.46 4.22
CA VAL D 107 7.76 39.10 4.53
C VAL D 107 8.44 38.16 3.59
N ALA D 108 8.92 37.04 4.13
CA ALA D 108 9.47 35.88 3.41
C ALA D 108 8.34 34.85 3.23
N ILE D 109 8.10 34.42 1.99
N ILE D 109 8.05 34.47 1.97
CA ILE D 109 6.93 33.55 1.67
CA ILE D 109 6.90 33.56 1.66
C ILE D 109 7.35 32.43 0.72
C ILE D 109 7.38 32.43 0.73
N PRO D 110 6.96 31.17 1.00
CA PRO D 110 7.12 30.07 0.06
C PRO D 110 5.87 29.91 -0.82
N LEU D 111 5.95 29.09 -1.87
CA LEU D 111 4.76 28.80 -2.73
C LEU D 111 3.97 27.66 -2.09
N LEU D 112 2.85 28.03 -1.47
CA LEU D 112 2.03 27.08 -0.72
C LEU D 112 1.52 25.98 -1.67
N SER D 113 1.48 24.76 -1.19
CA SER D 113 0.87 23.57 -1.87
C SER D 113 1.68 23.16 -3.11
N THR D 114 2.97 23.51 -3.19
CA THR D 114 3.78 23.13 -4.40
C THR D 114 4.75 22.00 -4.11
N GLY D 115 4.89 21.60 -2.84
CA GLY D 115 5.74 20.51 -2.35
C GLY D 115 4.93 19.25 -2.18
N VAL D 116 4.97 18.63 -1.00
CA VAL D 116 4.29 17.31 -0.82
C VAL D 116 2.76 17.51 -0.82
N TYR D 117 2.22 18.73 -0.73
CA TYR D 117 0.76 18.96 -0.86
C TYR D 117 0.36 19.19 -2.33
N SER D 118 1.26 18.99 -3.31
CA SER D 118 0.92 19.32 -4.72
C SER D 118 0.13 18.20 -5.40
N GLY D 119 0.01 17.02 -4.80
CA GLY D 119 -0.70 15.89 -5.42
C GLY D 119 0.01 15.43 -6.70
N GLY D 120 1.34 15.60 -6.74
CA GLY D 120 2.23 15.17 -7.84
C GLY D 120 2.17 16.08 -9.06
N LYS D 121 1.56 17.25 -8.97
CA LYS D 121 1.35 18.19 -10.09
C LYS D 121 2.26 19.41 -9.89
N ASP D 122 2.69 20.00 -11.01
CA ASP D 122 3.41 21.29 -11.02
C ASP D 122 2.40 22.41 -10.83
N ARG D 123 2.47 23.09 -9.67
CA ARG D 123 1.52 24.17 -9.30
C ARG D 123 2.24 25.52 -9.17
N LEU D 124 3.39 25.71 -9.80
CA LEU D 124 4.11 27.01 -9.74
C LEU D 124 3.19 28.16 -10.13
N THR D 125 2.63 28.17 -11.37
CA THR D 125 1.81 29.29 -11.85
C THR D 125 0.57 29.45 -10.96
N GLN D 126 -0.12 28.38 -10.64
CA GLN D 126 -1.35 28.43 -9.80
C GLN D 126 -1.05 29.08 -8.44
N SER D 127 -0.04 28.56 -7.74
CA SER D 127 0.31 29.08 -6.36
C SER D 127 0.81 30.52 -6.44
N LEU D 128 1.67 30.84 -7.40
CA LEU D 128 2.17 32.23 -7.57
C LEU D 128 1.03 33.19 -7.91
N ASN D 129 0.05 32.80 -8.74
CA ASN D 129 -1.05 33.72 -9.11
C ASN D 129 -1.88 34.03 -7.86
N HIS D 130 -2.15 33.05 -7.00
CA HIS D 130 -2.91 33.31 -5.75
C HIS D 130 -2.10 34.23 -4.82
N LEU D 131 -0.79 34.00 -4.74
CA LEU D 131 0.16 34.85 -3.96
C LEU D 131 0.06 36.32 -4.42
N PHE D 132 0.23 36.59 -5.71
CA PHE D 132 0.17 37.98 -6.26
C PHE D 132 -1.20 38.60 -5.93
N THR D 133 -2.28 37.84 -6.13
CA THR D 133 -3.64 38.37 -5.95
C THR D 133 -3.80 38.84 -4.51
N ALA D 134 -3.33 38.04 -3.56
CA ALA D 134 -3.52 38.36 -2.14
C ALA D 134 -2.56 39.47 -1.71
N MET D 135 -1.29 39.34 -2.07
CA MET D 135 -0.20 40.20 -1.51
C MET D 135 -0.23 41.58 -2.19
N ASP D 136 -0.87 41.73 -3.36
CA ASP D 136 -1.01 43.06 -4.03
C ASP D 136 -1.78 44.03 -3.12
N SER D 137 -2.59 43.51 -2.19
CA SER D 137 -3.39 44.32 -1.25
C SER D 137 -2.54 44.83 -0.07
N THR D 138 -1.29 44.39 0.08
CA THR D 138 -0.35 44.85 1.15
C THR D 138 0.61 45.94 0.63
N ASP D 139 1.36 46.62 1.49
CA ASP D 139 2.44 47.51 1.00
C ASP D 139 3.81 46.99 1.43
N ALA D 140 3.93 45.71 1.75
CA ALA D 140 5.19 45.08 2.20
C ALA D 140 6.05 44.68 1.02
N ASP D 141 7.37 44.71 1.22
CA ASP D 141 8.34 44.03 0.34
C ASP D 141 8.14 42.52 0.51
N VAL D 142 7.79 41.82 -0.57
CA VAL D 142 7.55 40.36 -0.54
C VAL D 142 8.75 39.67 -1.20
N VAL D 143 9.39 38.77 -0.47
CA VAL D 143 10.52 37.98 -0.97
C VAL D 143 10.06 36.52 -1.00
N ILE D 144 9.95 35.99 -2.21
CA ILE D 144 9.50 34.58 -2.46
C ILE D 144 10.73 33.67 -2.41
N TYR D 145 10.66 32.59 -1.63
CA TYR D 145 11.76 31.62 -1.44
C TYR D 145 11.44 30.36 -2.27
N CYS D 146 12.45 29.83 -2.97
CA CYS D 146 12.40 28.53 -3.67
C CYS D 146 13.74 27.82 -3.53
N ARG D 147 13.79 26.58 -4.01
CA ARG D 147 14.93 25.64 -3.92
C ARG D 147 15.54 25.47 -5.31
N ASP D 148 14.71 25.21 -6.32
CA ASP D 148 15.15 24.71 -7.66
C ASP D 148 15.41 25.87 -8.62
N LYS D 149 16.49 25.76 -9.41
CA LYS D 149 16.89 26.81 -10.39
C LYS D 149 15.80 27.06 -11.44
N GLU D 150 15.16 26.01 -11.96
CA GLU D 150 14.07 26.19 -12.97
C GLU D 150 12.91 26.96 -12.31
N TRP D 151 12.59 26.68 -11.04
CA TRP D 151 11.53 27.43 -10.30
C TRP D 151 11.95 28.89 -10.14
N GLU D 152 13.21 29.14 -9.72
CA GLU D 152 13.69 30.54 -9.58
C GLU D 152 13.46 31.35 -10.87
N LYS D 153 13.85 30.77 -12.00
CA LYS D 153 13.79 31.41 -13.35
C LYS D 153 12.35 31.83 -13.64
N LYS D 154 11.43 30.87 -13.52
CA LYS D 154 9.99 31.04 -13.88
C LYS D 154 9.34 32.07 -12.95
N ILE D 155 9.63 32.01 -11.63
CA ILE D 155 9.08 33.00 -10.66
C ILE D 155 9.58 34.41 -11.05
N SER D 156 10.87 34.54 -11.31
CA SER D 156 11.53 35.81 -11.75
C SER D 156 10.87 36.32 -13.03
N GLU D 157 10.69 35.46 -14.03
CA GLU D 157 10.02 35.82 -15.31
C GLU D 157 8.62 36.36 -15.03
N ALA D 158 7.86 35.71 -14.13
CA ALA D 158 6.48 36.09 -13.78
C ALA D 158 6.47 37.48 -13.11
N ILE D 159 7.44 37.76 -12.23
CA ILE D 159 7.56 39.08 -11.54
C ILE D 159 7.80 40.15 -12.61
N GLN D 160 8.73 39.89 -13.52
CA GLN D 160 9.18 40.84 -14.59
C GLN D 160 7.99 41.21 -15.49
N MET D 161 7.20 40.21 -15.91
CA MET D 161 6.12 40.37 -16.92
C MET D 161 4.99 41.26 -16.40
N ARG D 162 4.79 41.34 -15.07
CA ARG D 162 3.72 42.15 -14.42
C ARG D 162 4.05 43.65 -14.48
N THR D 163 5.34 43.99 -14.53
CA THR D 163 5.84 45.39 -14.60
C THR D 163 5.65 45.93 -16.03
S DMS E . 3.85 -1.61 -8.09
O DMS E . 4.61 -0.88 -7.00
C1 DMS E . 4.66 -3.15 -8.32
C2 DMS E . 4.31 -0.86 -9.63
C TRS F . 34.03 -1.11 3.25
C1 TRS F . 33.37 -2.30 3.96
C2 TRS F . 33.11 0.12 3.23
C3 TRS F . 35.37 -0.76 3.91
N TRS F . 34.29 -1.50 1.82
O1 TRS F . 34.10 -3.53 3.83
O2 TRS F . 32.89 0.69 4.52
O3 TRS F . 36.28 -0.17 2.98
S DMS G . 15.21 2.39 9.39
O DMS G . 15.11 0.90 9.53
C1 DMS G . 15.41 2.73 7.69
C2 DMS G . 16.87 2.82 9.87
CL CL H . 24.95 -9.53 -9.03
CL CL I . 8.04 -15.40 -10.55
O01 XJV J . 20.24 -9.92 -10.50
C02 XJV J . 20.66 -10.59 -9.56
N03 XJV J . 20.68 -11.93 -9.52
C04 XJV J . 21.29 -12.43 -8.29
C05 XJV J . 21.67 -11.16 -7.55
N06 XJV J . 21.22 -10.11 -8.45
N1 W3G K . 20.92 -18.14 -11.58
O W3G K . 19.34 -19.17 -10.36
C W3G K . 20.29 -18.37 -10.41
N W3G K . 21.91 -17.24 -11.80
C3 W3G K . 22.29 -16.54 -10.78
C2 W3G K . 21.76 -16.66 -9.50
C1 W3G K . 20.77 -17.58 -9.31
N1 A1AP7 L . 14.34 -11.77 -9.10
C4 A1AP7 L . 16.46 -12.91 -9.46
C5 A1AP7 L . 16.48 -13.45 -8.18
C6 A1AP7 L . 17.47 -14.35 -7.85
C7 A1AP7 L . 18.40 -14.24 -9.93
C8 A1AP7 L . 17.45 -13.33 -10.35
N A1AP7 L . 13.52 -10.81 -9.58
C A1AP7 L . 16.23 -10.83 -12.08
C1 A1AP7 L . 15.32 -11.05 -10.93
C2 A1AP7 L . 14.11 -10.38 -10.69
C3 A1AP7 L . 15.44 -11.94 -9.86
N2 A1AP7 L . 18.42 -14.75 -8.69
N1 W3G M . 23.22 -4.07 -8.80
O W3G M . 22.18 -2.78 -10.30
C W3G M . 22.77 -3.81 -10.06
N W3G M . 23.93 -5.15 -8.39
C3 W3G M . 24.21 -6.03 -9.28
C2 W3G M . 23.81 -5.92 -10.62
C1 W3G M . 23.10 -4.84 -11.01
S DMS N . -5.20 -18.88 -20.01
O DMS N . -3.76 -19.24 -20.09
C1 DMS N . -6.09 -20.36 -19.61
C2 DMS N . -5.74 -18.74 -21.69
CL CL O . -10.96 -19.17 -20.45
O01 XJV P . -10.01 -15.46 -17.71
C02 XJV P . -10.95 -16.19 -17.45
N03 XJV P . -10.88 -17.51 -17.24
C04 XJV P . -12.18 -18.11 -16.95
C05 XJV P . -13.12 -16.90 -17.00
N06 XJV P . -12.23 -15.79 -17.31
N1 W3G Q . -17.30 -12.09 -18.06
O W3G Q . -17.63 -11.78 -15.86
C W3G Q . -17.27 -12.53 -16.77
N W3G Q . -16.94 -12.81 -19.17
C3 W3G Q . -16.51 -14.02 -18.96
C2 W3G Q . -16.42 -14.61 -17.70
C1 W3G Q . -16.79 -13.87 -16.61
C TRS R . -21.10 -35.57 -19.04
C1 TRS R . -21.49 -34.29 -18.31
C2 TRS R . -20.40 -35.26 -20.38
C3 TRS R . -20.24 -36.47 -18.16
N TRS R . -22.36 -36.34 -19.35
O1 TRS R . -21.95 -34.52 -16.98
O2 TRS R . -20.34 -33.86 -20.68
O3 TRS R . -18.92 -36.65 -18.64
N1 A1AP7 S . -10.55 -12.55 -12.04
C4 A1AP7 S . -12.17 -13.14 -13.79
C5 A1AP7 S . -12.99 -13.81 -12.90
C6 A1AP7 S . -14.16 -14.38 -13.37
C7 A1AP7 S . -13.76 -13.65 -15.49
C8 A1AP7 S . -12.58 -13.05 -15.11
N A1AP7 S . -9.34 -11.97 -11.83
C A1AP7 S . -9.76 -11.60 -15.49
C1 A1AP7 S . -9.88 -11.89 -14.03
C2 A1AP7 S . -8.95 -11.56 -13.03
C3 A1AP7 S . -10.91 -12.53 -13.34
N2 A1AP7 S . -14.56 -14.30 -14.65
CL CL T . -11.19 -6.21 -4.84
S DMS U . -11.08 -4.01 13.38
O DMS U . -11.57 -3.28 12.16
C1 DMS U . -10.83 -2.78 14.63
C2 DMS U . -12.47 -4.86 14.08
CL CL V . -10.14 -6.16 10.58
S DMS W . -30.76 0.59 15.56
O DMS W . -30.38 0.93 14.12
C1 DMS W . -29.41 1.04 16.61
C2 DMS W . -30.63 -1.18 15.73
S DMS X . -14.30 -7.56 8.21
O DMS X . -14.01 -6.21 7.60
C1 DMS X . -16.04 -7.80 8.02
C2 DMS X . -14.26 -7.33 9.97
S DMS Y . 3.19 3.55 1.12
O DMS Y . 2.97 2.07 1.33
C1 DMS Y . 2.30 3.98 -0.36
C2 DMS Y . 4.83 3.73 0.47
N1 W3G Z . -8.04 -4.59 20.25
O W3G Z . -8.35 -2.65 21.32
C W3G Z . -8.16 -3.24 20.25
N W3G Z . -7.95 -5.38 19.14
C3 W3G Z . -7.96 -4.80 17.99
C2 W3G Z . -8.05 -3.41 17.83
C1 W3G Z . -8.15 -2.64 18.95
N1 A1AP7 AA . -16.41 -1.11 18.10
C4 A1AP7 AA . -14.09 -1.96 17.95
C5 A1AP7 AA . -13.55 -0.77 17.46
C6 A1AP7 AA . -12.19 -0.65 17.40
C7 A1AP7 AA . -11.86 -2.73 18.25
C8 A1AP7 AA . -13.22 -2.96 18.35
N A1AP7 AA . -17.71 -1.51 18.11
C A1AP7 AA . -15.91 -4.74 17.80
C1 A1AP7 AA . -16.34 -3.31 17.93
C2 A1AP7 AA . -17.67 -2.83 18.02
C3 A1AP7 AA . -15.55 -2.16 17.99
N2 A1AP7 AA . -11.33 -1.60 17.78
S DMS BA . -0.65 -5.31 22.20
O DMS BA . -1.11 -4.82 23.53
C1 DMS BA . -1.25 -4.14 21.00
C2 DMS BA . -1.71 -6.67 21.77
C TRS CA . -12.34 26.85 6.09
C1 TRS CA . -13.68 26.23 6.51
C2 TRS CA . -12.57 27.93 5.02
C3 TRS CA . -11.60 27.42 7.29
N TRS CA . -11.50 25.76 5.49
O1 TRS CA . -14.17 25.31 5.56
O2 TRS CA . -11.36 28.33 4.39
O3 TRS CA . -12.47 27.89 8.31
S DMS DA . 18.78 27.12 15.48
O DMS DA . 18.51 27.26 13.96
C1 DMS DA . 18.65 25.37 15.83
C2 DMS DA . 17.32 27.71 16.35
S DMS EA . -0.20 37.58 17.58
O DMS EA . 0.48 38.31 16.45
C1 DMS EA . 0.87 36.24 18.02
C2 DMS EA . -1.53 36.61 16.87
CL CL FA . 3.56 21.79 0.20
O01 XJV GA . 8.18 22.27 1.26
C02 XJV GA . 7.57 23.17 0.70
N03 XJV GA . 6.46 23.76 1.13
C04 XJV GA . 5.97 24.79 0.23
C05 XJV GA . 7.00 24.76 -0.90
N06 XJV GA . 7.92 23.71 -0.48
N1 W3G HA . 10.64 23.45 -6.13
O W3G HA . 11.91 25.29 -6.12
C W3G HA . 10.84 24.74 -5.81
N W3G HA . 9.52 22.71 -5.85
C3 W3G HA . 8.58 23.32 -5.23
C2 W3G HA . 8.64 24.66 -4.83
C1 W3G HA . 9.76 25.36 -5.12
N1 A1AP7 IA . 13.38 26.17 2.32
C4 A1AP7 IA . 11.93 25.67 0.41
C5 A1AP7 IA . 11.45 24.75 -0.50
C6 A1AP7 IA . 10.65 25.18 -1.54
C7 A1AP7 IA . 10.80 27.35 -0.85
C8 A1AP7 IA . 11.61 27.02 0.22
N A1AP7 IA . 14.09 25.59 3.34
C A1AP7 IA . 12.63 22.65 1.64
C1 A1AP7 IA . 13.06 24.01 2.10
C2 A1AP7 IA . 13.88 24.29 3.20
C3 A1AP7 IA . 12.76 25.25 1.55
N2 A1AP7 IA . 10.32 26.47 -1.73
N1 W3G JA . 3.11 20.71 5.79
O W3G JA . 4.07 19.21 7.18
C W3G JA . 3.99 19.70 6.04
N W3G JA . 2.83 21.28 4.59
C3 W3G JA . 3.48 20.81 3.57
C2 W3G JA . 4.43 19.79 3.65
C1 W3G JA . 4.68 19.24 4.87
#